data_3GTD
#
_entry.id   3GTD
#
_cell.length_a   144.900
_cell.length_b   144.900
_cell.length_c   106.210
_cell.angle_alpha   90.00
_cell.angle_beta   90.00
_cell.angle_gamma   120.00
#
_symmetry.space_group_name_H-M   'P 31 2 1'
#
loop_
_entity.id
_entity.type
_entity.pdbx_description
1 polymer 'Fumarate hydratase class II'
2 non-polymer 'MALONATE ION'
3 non-polymer 'SODIUM ION'
4 water water
#
_entity_poly.entity_id   1
_entity_poly.type   'polypeptide(L)'
_entity_poly.pdbx_seq_one_letter_code
;MAHHHHHHMGTLEAQTQGPGSMKNYRIESDSFGEIQIEEKFYWGAQTQRSLNNFKISKQKMPKILIRALAILKKCAAQVN
YEFGDLEYKIATSIDKAIDRILAGEFEDNFPLVVWQTGSGTQTNMNMNEVIASIANEELTGKKGGKFPVHPNDHVNKGQS
SNDSFPTAMHIATVLATKQQLIPALNNLLTYLQDKSKDWDKIIKIGRTHLQDATPLTLKQEFSGYITQIEYALERIEDAL
KKVYLLAQGGTAVGTGINSKIGFDIKFAQKVAEFTQQPFKTAPNKFESLAAHDALVEFSGTLNTIAVSLMKIANDIRLLG
SGPRCGLGELHLPENEPGSSIMPGKVNPTQVEALTMVCTQVMGNHVTVTIAGSNGHLELNVFKPVIIYNILQSIELLSDS
VNSFVTHCVKGLEPNIARINTLRDKSLMLVTVLNPHIGYDNAAKIAKEAHKYGITLKEAAKKLNFLSEEEFDKIVVPEKM
IS
;
_entity_poly.pdbx_strand_id   A,B
#
loop_
_chem_comp.id
_chem_comp.type
_chem_comp.name
_chem_comp.formula
MLI non-polymer 'MALONATE ION' 'C3 H2 O4 -2'
NA non-polymer 'SODIUM ION' 'Na 1'
#
# COMPACT_ATOMS: atom_id res chain seq x y z
N ASN A 24 27.45 17.77 19.29
CA ASN A 24 26.13 17.19 18.91
C ASN A 24 26.13 15.66 18.68
N TYR A 25 27.23 15.00 19.02
CA TYR A 25 27.34 13.54 18.88
C TYR A 25 27.75 12.87 20.19
N ARG A 26 27.29 11.62 20.36
CA ARG A 26 27.69 10.76 21.47
C ARG A 26 28.29 9.51 20.85
N ILE A 27 29.24 8.90 21.56
CA ILE A 27 29.91 7.70 21.08
C ILE A 27 29.34 6.46 21.76
N GLU A 28 29.16 5.40 20.99
CA GLU A 28 28.65 4.13 21.50
C GLU A 28 29.51 2.99 20.97
N SER A 29 29.31 1.78 21.48
CA SER A 29 30.10 0.63 21.03
C SER A 29 29.36 -0.71 21.09
N ASP A 30 29.73 -1.59 20.18
CA ASP A 30 29.31 -3.00 20.17
C ASP A 30 30.51 -3.87 19.75
N SER A 31 30.26 -5.17 19.56
CA SER A 31 31.32 -6.13 19.16
C SER A 31 32.17 -5.64 17.97
N PHE A 32 31.56 -4.93 17.02
CA PHE A 32 32.26 -4.47 15.82
C PHE A 32 33.09 -3.20 16.02
N GLY A 33 32.81 -2.43 17.07
CA GLY A 33 33.64 -1.25 17.38
C GLY A 33 32.89 0.02 17.74
N GLU A 34 33.47 1.16 17.37
CA GLU A 34 33.02 2.48 17.79
C GLU A 34 32.15 3.13 16.71
N ILE A 35 31.12 3.86 17.13
CA ILE A 35 30.17 4.46 16.19
C ILE A 35 29.47 5.68 16.81
N GLN A 36 29.16 6.67 15.97
CA GLN A 36 28.61 7.95 16.43
C GLN A 36 27.08 8.03 16.27
N ILE A 37 26.42 8.49 17.33
CA ILE A 37 24.97 8.73 17.34
C ILE A 37 24.70 10.20 17.64
N GLU A 38 23.79 10.82 16.90
CA GLU A 38 23.39 12.19 17.19
C GLU A 38 22.84 12.26 18.62
N GLU A 39 23.30 13.27 19.35
CA GLU A 39 23.19 13.33 20.82
C GLU A 39 21.77 13.30 21.39
N LYS A 40 20.83 13.93 20.68
CA LYS A 40 19.45 14.05 21.16
C LYS A 40 18.62 12.77 21.00
N PHE A 41 19.12 11.80 20.25
CA PHE A 41 18.40 10.53 20.08
C PHE A 41 18.87 9.53 21.12
N TYR A 42 17.96 8.63 21.50
CA TYR A 42 18.21 7.68 22.60
C TYR A 42 18.72 6.29 22.17
N TRP A 43 18.69 5.97 20.88
CA TRP A 43 19.12 4.63 20.43
C TRP A 43 20.64 4.46 20.56
N GLY A 44 21.13 3.25 20.32
CA GLY A 44 22.54 2.93 20.57
C GLY A 44 23.33 2.56 19.32
N ALA A 45 24.38 1.77 19.54
CA ALA A 45 25.33 1.45 18.48
C ALA A 45 24.73 0.54 17.41
N GLN A 46 24.04 -0.51 17.81
CA GLN A 46 23.50 -1.47 16.84
C GLN A 46 22.39 -0.84 15.98
N THR A 47 21.61 0.06 16.55
CA THR A 47 20.56 0.74 15.80
C THR A 47 21.13 1.68 14.75
N GLN A 48 22.20 2.40 15.12
CA GLN A 48 22.85 3.35 14.21
C GLN A 48 23.55 2.61 13.08
N ARG A 49 24.13 1.46 13.40
CA ARG A 49 24.75 0.58 12.43
C ARG A 49 23.72 0.12 11.40
N SER A 50 22.60 -0.41 11.87
CA SER A 50 21.50 -0.80 11.00
C SER A 50 20.97 0.37 10.19
N LEU A 51 20.95 1.56 10.79
CA LEU A 51 20.45 2.74 10.13
C LEU A 51 21.33 3.11 8.93
N ASN A 52 22.63 2.88 9.07
CA ASN A 52 23.61 3.17 8.02
C ASN A 52 23.73 2.08 6.93
N ASN A 53 23.34 0.85 7.27
CA ASN A 53 23.56 -0.32 6.40
C ASN A 53 22.31 -0.78 5.62
N PHE A 54 21.15 -0.27 5.99
CA PHE A 54 19.90 -0.60 5.32
C PHE A 54 19.15 0.66 4.95
N LYS A 55 19.71 1.39 3.98
CA LYS A 55 19.09 2.59 3.45
C LYS A 55 18.21 2.20 2.29
N ILE A 56 17.10 1.55 2.62
CA ILE A 56 16.20 0.97 1.64
C ILE A 56 14.84 1.65 1.80
N SER A 57 14.59 2.64 0.95
CA SER A 57 13.37 3.44 0.97
C SER A 57 13.10 4.08 2.35
N LYS A 58 11.82 4.29 2.67
CA LYS A 58 11.43 5.11 3.81
C LYS A 58 10.42 4.43 4.76
N GLN A 59 10.08 3.16 4.50
CA GLN A 59 9.00 2.51 5.23
C GLN A 59 9.46 2.02 6.61
N LYS A 60 9.16 2.79 7.64
CA LYS A 60 9.54 2.45 9.01
C LYS A 60 8.58 1.40 9.59
N MET A 61 8.96 0.79 10.72
CA MET A 61 8.05 -0.11 11.41
C MET A 61 6.81 0.67 11.83
N PRO A 62 5.62 0.10 11.62
CA PRO A 62 4.38 0.77 12.03
C PRO A 62 4.32 1.09 13.54
N LYS A 63 3.72 2.24 13.88
CA LYS A 63 3.60 2.70 15.27
C LYS A 63 3.09 1.62 16.23
N ILE A 64 2.11 0.85 15.78
CA ILE A 64 1.44 -0.11 16.65
C ILE A 64 2.26 -1.39 16.85
N LEU A 65 3.22 -1.65 15.97
CA LEU A 65 4.14 -2.75 16.17
C LEU A 65 5.20 -2.37 17.18
N ILE A 66 5.70 -1.14 17.11
CA ILE A 66 6.64 -0.62 18.11
C ILE A 66 5.98 -0.69 19.50
N ARG A 67 4.71 -0.31 19.56
CA ARG A 67 3.95 -0.32 20.80
C ARG A 67 3.86 -1.74 21.34
N ALA A 68 3.50 -2.68 20.47
CA ALA A 68 3.45 -4.10 20.82
C ALA A 68 4.77 -4.60 21.39
N LEU A 69 5.88 -4.17 20.79
CA LEU A 69 7.21 -4.58 21.20
C LEU A 69 7.57 -4.01 22.57
N ALA A 70 7.14 -2.78 22.83
CA ALA A 70 7.32 -2.14 24.15
C ALA A 70 6.52 -2.89 25.24
N ILE A 71 5.27 -3.23 24.92
CA ILE A 71 4.44 -3.98 25.83
C ILE A 71 5.15 -5.29 26.16
N LEU A 72 5.70 -5.91 25.12
CA LEU A 72 6.43 -7.16 25.25
C LEU A 72 7.57 -7.00 26.25
N LYS A 73 8.35 -5.93 26.11
CA LYS A 73 9.51 -5.72 27.01
C LYS A 73 9.08 -5.41 28.45
N LYS A 74 7.95 -4.71 28.60
CA LYS A 74 7.43 -4.36 29.93
C LYS A 74 7.08 -5.61 30.72
N CYS A 75 6.42 -6.55 30.06
CA CYS A 75 6.00 -7.80 30.66
C CYS A 75 7.14 -8.77 30.91
N ALA A 76 8.09 -8.82 29.97
CA ALA A 76 9.26 -9.69 30.09
C ALA A 76 10.14 -9.25 31.26
N ALA A 77 10.29 -7.93 31.45
CA ALA A 77 11.08 -7.39 32.55
C ALA A 77 10.42 -7.68 33.90
N GLN A 78 9.09 -7.61 33.94
CA GLN A 78 8.37 -7.89 35.19
C GLN A 78 8.45 -9.37 35.56
N VAL A 79 8.31 -10.25 34.58
CA VAL A 79 8.47 -11.68 34.83
C VAL A 79 9.91 -12.01 35.25
N ASN A 80 10.89 -11.43 34.55
CA ASN A 80 12.29 -11.60 34.94
C ASN A 80 12.54 -11.18 36.38
N TYR A 81 12.00 -10.02 36.77
CA TYR A 81 12.07 -9.51 38.13
C TYR A 81 11.46 -10.47 39.16
N GLU A 82 10.30 -11.03 38.82
CA GLU A 82 9.63 -12.03 39.66
C GLU A 82 10.46 -13.30 39.84
N PHE A 83 11.23 -13.66 38.81
CA PHE A 83 12.12 -14.82 38.89
C PHE A 83 13.44 -14.51 39.62
N GLY A 84 13.63 -13.25 40.01
CA GLY A 84 14.82 -12.82 40.73
C GLY A 84 16.00 -12.53 39.82
N ASP A 85 15.73 -12.38 38.51
CA ASP A 85 16.78 -12.20 37.51
C ASP A 85 16.94 -10.75 37.03
N LEU A 86 16.24 -9.82 37.69
CA LEU A 86 16.54 -8.39 37.58
C LEU A 86 16.44 -7.76 38.96
N GLU A 87 17.40 -6.88 39.27
CA GLU A 87 17.41 -6.15 40.53
C GLU A 87 16.34 -5.06 40.53
N TYR A 88 15.86 -4.72 41.73
CA TYR A 88 14.78 -3.75 41.91
C TYR A 88 15.02 -2.44 41.15
N LYS A 89 16.19 -1.86 41.34
CA LYS A 89 16.56 -0.59 40.71
C LYS A 89 16.39 -0.64 39.18
N ILE A 90 16.85 -1.73 38.59
CA ILE A 90 16.88 -1.88 37.16
C ILE A 90 15.50 -2.22 36.59
N ALA A 91 14.75 -3.09 37.25
CA ALA A 91 13.41 -3.46 36.79
C ALA A 91 12.43 -2.30 36.90
N THR A 92 12.55 -1.51 37.97
CA THR A 92 11.67 -0.36 38.14
C THR A 92 11.96 0.76 37.15
N SER A 93 13.24 1.05 36.91
CA SER A 93 13.60 2.03 35.88
C SER A 93 13.22 1.57 34.48
N ILE A 94 13.34 0.27 34.19
CA ILE A 94 12.94 -0.24 32.88
C ILE A 94 11.44 0.02 32.70
N ASP A 95 10.67 -0.39 33.72
CA ASP A 95 9.21 -0.23 33.69
C ASP A 95 8.78 1.23 33.48
N LYS A 96 9.40 2.16 34.21
CA LYS A 96 9.12 3.59 34.02
C LYS A 96 9.51 4.10 32.64
N ALA A 97 10.66 3.68 32.13
CA ALA A 97 11.06 4.09 30.78
C ALA A 97 10.03 3.62 29.75
N ILE A 98 9.57 2.38 29.88
CA ILE A 98 8.65 1.82 28.89
C ILE A 98 7.31 2.58 28.90
N ASP A 99 6.82 2.92 30.10
CA ASP A 99 5.55 3.68 30.21
C ASP A 99 5.63 5.01 29.45
N ARG A 100 6.80 5.66 29.49
CA ARG A 100 7.00 6.88 28.72
C ARG A 100 6.95 6.62 27.19
N ILE A 101 7.42 5.46 26.76
CA ILE A 101 7.34 5.09 25.33
C ILE A 101 5.88 4.80 24.94
N LEU A 102 5.15 4.10 25.81
CA LEU A 102 3.75 3.85 25.61
C LEU A 102 2.91 5.13 25.70
N ALA A 103 3.41 6.13 26.44
CA ALA A 103 2.75 7.45 26.49
C ALA A 103 2.92 8.23 25.19
N GLY A 104 3.89 7.84 24.36
CA GLY A 104 4.13 8.49 23.07
C GLY A 104 5.25 9.52 23.10
N GLU A 105 6.15 9.40 24.07
CA GLU A 105 7.16 10.43 24.32
C GLU A 105 8.43 10.27 23.47
N PHE A 106 8.58 9.11 22.81
CA PHE A 106 9.80 8.81 22.06
C PHE A 106 9.51 8.27 20.66
N GLU A 107 8.51 8.82 19.99
CA GLU A 107 8.13 8.33 18.67
C GLU A 107 9.15 8.67 17.56
N ASP A 108 10.09 9.54 17.88
CA ASP A 108 11.19 9.89 16.99
C ASP A 108 12.32 8.86 17.00
N ASN A 109 12.31 7.95 17.97
CA ASN A 109 13.49 7.13 18.25
C ASN A 109 13.45 5.71 17.68
N PHE A 110 12.62 5.48 16.68
CA PHE A 110 12.57 4.17 16.01
C PHE A 110 12.68 4.31 14.50
N PRO A 111 13.89 4.67 14.01
CA PRO A 111 14.08 5.07 12.62
C PRO A 111 14.28 3.92 11.61
N LEU A 112 14.38 2.68 12.08
CA LEU A 112 14.75 1.58 11.18
C LEU A 112 13.64 1.20 10.19
N VAL A 113 14.05 0.92 8.96
CA VAL A 113 13.12 0.51 7.91
C VAL A 113 12.70 -0.96 8.06
N VAL A 114 11.57 -1.27 7.46
CA VAL A 114 11.06 -2.65 7.35
C VAL A 114 12.06 -3.59 6.67
N TRP A 115 12.79 -3.07 5.68
CA TRP A 115 13.66 -3.91 4.87
C TRP A 115 15.01 -4.06 5.57
N GLN A 116 15.00 -4.86 6.63
CA GLN A 116 16.18 -5.10 7.46
C GLN A 116 16.43 -6.60 7.48
N THR A 117 17.10 -7.08 8.51
CA THR A 117 17.21 -8.50 8.73
C THR A 117 15.82 -9.14 8.88
N GLY A 118 15.71 -10.38 8.43
CA GLY A 118 14.40 -11.05 8.27
C GLY A 118 13.79 -11.54 9.56
N SER A 119 14.58 -11.50 10.63
CA SER A 119 14.15 -11.90 11.96
C SER A 119 13.64 -10.71 12.79
N GLY A 120 13.87 -9.50 12.32
CA GLY A 120 13.57 -8.30 13.11
C GLY A 120 14.57 -7.96 14.21
N THR A 121 15.73 -8.61 14.20
CA THR A 121 16.76 -8.40 15.25
C THR A 121 17.09 -6.93 15.48
N GLN A 122 17.25 -6.17 14.42
CA GLN A 122 17.67 -4.78 14.55
C GLN A 122 16.59 -3.91 15.19
N THR A 123 15.33 -4.21 14.91
CA THR A 123 14.23 -3.49 15.54
C THR A 123 14.07 -3.91 17.01
N ASN A 124 14.26 -5.19 17.30
CA ASN A 124 14.33 -5.67 18.68
C ASN A 124 15.38 -4.89 19.45
N MET A 125 16.55 -4.75 18.83
CA MET A 125 17.69 -4.09 19.48
C MET A 125 17.47 -2.59 19.57
N ASN A 126 16.75 -2.03 18.61
CA ASN A 126 16.33 -0.64 18.67
C ASN A 126 15.51 -0.40 19.95
N MET A 127 14.55 -1.28 20.22
CA MET A 127 13.79 -1.20 21.45
C MET A 127 14.66 -1.41 22.68
N ASN A 128 15.55 -2.40 22.66
CA ASN A 128 16.42 -2.69 23.80
C ASN A 128 17.31 -1.50 24.19
N GLU A 129 17.91 -0.88 23.18
CA GLU A 129 18.81 0.24 23.41
C GLU A 129 18.08 1.50 23.93
N VAL A 130 16.93 1.81 23.32
CA VAL A 130 16.18 3.00 23.69
C VAL A 130 15.66 2.91 25.14
N ILE A 131 15.15 1.75 25.54
CA ILE A 131 14.70 1.54 26.91
C ILE A 131 15.86 1.73 27.89
N ALA A 132 16.98 1.03 27.63
CA ALA A 132 18.18 1.15 28.46
C ALA A 132 18.64 2.60 28.57
N SER A 133 18.60 3.30 27.44
CA SER A 133 19.08 4.66 27.34
C SER A 133 18.22 5.63 28.16
N ILE A 134 16.90 5.47 28.07
CA ILE A 134 15.97 6.29 28.85
C ILE A 134 16.19 6.03 30.34
N ALA A 135 16.36 4.75 30.70
CA ALA A 135 16.57 4.35 32.08
C ALA A 135 17.89 4.92 32.63
N ASN A 136 18.95 4.84 31.83
CA ASN A 136 20.27 5.34 32.25
C ASN A 136 20.28 6.85 32.45
N GLU A 137 19.58 7.60 31.59
CA GLU A 137 19.38 9.04 31.80
C GLU A 137 18.68 9.33 33.13
N GLU A 138 17.62 8.56 33.44
CA GLU A 138 16.89 8.73 34.71
C GLU A 138 17.77 8.42 35.91
N LEU A 139 18.57 7.36 35.82
CA LEU A 139 19.41 6.92 36.93
C LEU A 139 20.69 7.75 37.09
N THR A 140 21.31 8.17 35.99
CA THR A 140 22.62 8.84 36.05
C THR A 140 22.63 10.30 35.62
N GLY A 141 21.68 10.69 34.76
CA GLY A 141 21.63 12.04 34.20
C GLY A 141 22.09 12.11 32.75
N LYS A 142 22.84 11.10 32.31
CA LYS A 142 23.31 11.00 30.91
C LYS A 142 22.69 9.77 30.22
N LYS A 143 22.14 10.00 29.02
CA LYS A 143 21.52 8.94 28.25
C LYS A 143 22.55 8.07 27.54
N GLY A 144 22.11 6.93 27.03
CA GLY A 144 22.96 6.06 26.22
C GLY A 144 23.71 5.01 27.02
N GLY A 145 24.49 4.20 26.30
CA GLY A 145 25.40 3.26 26.94
C GLY A 145 24.70 2.08 27.57
N LYS A 146 25.45 1.30 28.37
CA LYS A 146 24.96 0.04 28.91
C LYS A 146 25.13 -0.10 30.43
N PHE A 147 25.24 1.02 31.13
CA PHE A 147 25.32 0.99 32.59
C PHE A 147 24.55 2.17 33.20
N PRO A 148 23.76 1.92 34.26
CA PRO A 148 23.47 0.63 34.92
C PRO A 148 22.62 -0.35 34.11
N VAL A 149 21.88 0.13 33.12
CA VAL A 149 20.94 -0.71 32.38
C VAL A 149 21.55 -1.12 31.04
N HIS A 150 21.61 -2.43 30.82
CA HIS A 150 22.28 -3.03 29.68
C HIS A 150 21.24 -3.57 28.68
N PRO A 151 21.30 -3.13 27.41
CA PRO A 151 20.33 -3.53 26.39
C PRO A 151 20.15 -5.03 26.25
N ASN A 152 21.24 -5.78 26.18
CA ASN A 152 21.16 -7.22 25.98
C ASN A 152 21.00 -7.99 27.29
N ASP A 153 21.77 -7.60 28.31
CA ASP A 153 21.82 -8.37 29.56
C ASP A 153 20.63 -8.12 30.50
N HIS A 154 20.00 -6.94 30.38
CA HIS A 154 18.86 -6.62 31.21
C HIS A 154 17.55 -6.55 30.42
N VAL A 155 17.52 -5.68 29.41
CA VAL A 155 16.29 -5.40 28.67
C VAL A 155 15.92 -6.58 27.78
N ASN A 156 16.93 -7.28 27.28
CA ASN A 156 16.71 -8.44 26.41
C ASN A 156 16.94 -9.77 27.14
N LYS A 157 16.96 -9.74 28.47
CA LYS A 157 17.28 -10.95 29.25
C LYS A 157 16.29 -12.08 28.98
N GLY A 158 16.82 -13.27 28.69
CA GLY A 158 15.99 -14.45 28.44
C GLY A 158 15.18 -14.38 27.16
N GLN A 159 15.61 -13.54 26.22
CA GLN A 159 14.86 -13.34 24.99
C GLN A 159 15.77 -13.47 23.77
N SER A 160 15.17 -13.87 22.66
CA SER A 160 15.78 -13.79 21.35
C SER A 160 14.88 -12.89 20.50
N SER A 161 15.42 -12.38 19.39
CA SER A 161 14.56 -11.74 18.41
C SER A 161 13.69 -12.79 17.72
N ASN A 162 14.16 -14.04 17.74
CA ASN A 162 13.48 -15.15 17.07
C ASN A 162 12.14 -15.47 17.69
N ASP A 163 12.03 -15.35 19.03
CA ASP A 163 10.75 -15.51 19.71
C ASP A 163 10.10 -14.16 20.04
N SER A 164 10.90 -13.13 20.27
CA SER A 164 10.33 -11.81 20.57
C SER A 164 9.61 -11.16 19.40
N PHE A 165 10.20 -11.20 18.22
CA PHE A 165 9.59 -10.52 17.08
C PHE A 165 8.25 -11.17 16.67
N PRO A 166 8.19 -12.51 16.59
CA PRO A 166 6.87 -13.11 16.37
C PRO A 166 5.82 -12.79 17.44
N THR A 167 6.25 -12.66 18.70
CA THR A 167 5.35 -12.27 19.77
C THR A 167 4.80 -10.87 19.50
N ALA A 168 5.69 -9.96 19.11
CA ALA A 168 5.27 -8.59 18.81
C ALA A 168 4.30 -8.56 17.63
N MET A 169 4.59 -9.38 16.61
CA MET A 169 3.74 -9.46 15.41
C MET A 169 2.28 -9.80 15.74
N HIS A 170 2.10 -10.77 16.64
CA HIS A 170 0.76 -11.22 17.06
C HIS A 170 0.07 -10.23 17.98
N ILE A 171 0.82 -9.64 18.91
CA ILE A 171 0.25 -8.62 19.80
C ILE A 171 -0.28 -7.44 18.99
N ALA A 172 0.54 -6.98 18.04
CA ALA A 172 0.17 -5.86 17.17
C ALA A 172 -1.04 -6.18 16.30
N THR A 173 -1.10 -7.40 15.75
CA THR A 173 -2.22 -7.82 14.90
C THR A 173 -3.50 -7.83 15.70
N VAL A 174 -3.44 -8.33 16.91
CA VAL A 174 -4.61 -8.37 17.79
C VAL A 174 -5.02 -6.95 18.16
N LEU A 175 -4.07 -6.16 18.65
CA LEU A 175 -4.38 -4.76 18.99
C LEU A 175 -5.05 -3.99 17.85
N ALA A 176 -4.45 -4.05 16.65
CA ALA A 176 -4.99 -3.33 15.50
C ALA A 176 -6.37 -3.85 15.08
N THR A 177 -6.54 -5.16 15.11
CA THR A 177 -7.81 -5.76 14.70
C THR A 177 -8.90 -5.31 15.63
N LYS A 178 -8.60 -5.28 16.92
CA LYS A 178 -9.60 -4.96 17.92
C LYS A 178 -9.86 -3.46 18.01
N GLN A 179 -8.85 -2.64 17.73
CA GLN A 179 -8.99 -1.20 17.89
C GLN A 179 -9.42 -0.50 16.59
N GLN A 180 -9.06 -1.08 15.44
CA GLN A 180 -9.34 -0.43 14.15
C GLN A 180 -10.38 -1.19 13.32
N LEU A 181 -10.16 -2.48 13.11
CA LEU A 181 -10.94 -3.22 12.11
C LEU A 181 -12.33 -3.59 12.59
N ILE A 182 -12.44 -4.22 13.75
CA ILE A 182 -13.75 -4.65 14.28
C ILE A 182 -14.71 -3.46 14.48
N PRO A 183 -14.21 -2.34 15.05
CA PRO A 183 -15.03 -1.13 15.15
C PRO A 183 -15.48 -0.56 13.82
N ALA A 184 -14.61 -0.55 12.81
CA ALA A 184 -14.99 -0.03 11.49
C ALA A 184 -16.05 -0.91 10.81
N LEU A 185 -15.88 -2.22 10.84
CA LEU A 185 -16.88 -3.12 10.27
C LEU A 185 -18.22 -3.00 10.98
N ASN A 186 -18.19 -2.87 12.31
CA ASN A 186 -19.42 -2.66 13.09
C ASN A 186 -20.06 -1.31 12.76
N ASN A 187 -19.23 -0.30 12.50
CA ASN A 187 -19.73 1.00 12.08
C ASN A 187 -20.46 0.87 10.73
N LEU A 188 -19.85 0.20 9.77
CA LEU A 188 -20.51 -0.06 8.49
C LEU A 188 -21.80 -0.88 8.66
N LEU A 189 -21.73 -1.91 9.51
CA LEU A 189 -22.88 -2.76 9.79
C LEU A 189 -24.05 -1.93 10.31
N THR A 190 -23.78 -1.12 11.33
CA THR A 190 -24.82 -0.34 12.00
C THR A 190 -25.52 0.59 11.02
N TYR A 191 -24.76 1.24 10.15
CA TYR A 191 -25.34 2.17 9.19
C TYR A 191 -26.02 1.49 8.00
N LEU A 192 -25.53 0.33 7.59
CA LEU A 192 -26.26 -0.46 6.59
C LEU A 192 -27.63 -0.83 7.15
N GLN A 193 -27.67 -1.29 8.41
CA GLN A 193 -28.94 -1.64 9.07
C GLN A 193 -29.86 -0.43 9.24
N ASP A 194 -29.31 0.65 9.81
CA ASP A 194 -30.11 1.84 10.08
C ASP A 194 -30.67 2.47 8.81
N LYS A 195 -29.82 2.68 7.81
CA LYS A 195 -30.25 3.28 6.55
C LYS A 195 -31.31 2.47 5.80
N SER A 196 -31.25 1.14 5.87
CA SER A 196 -32.15 0.29 5.08
C SER A 196 -33.40 -0.20 5.84
N LYS A 197 -33.53 0.18 7.10
CA LYS A 197 -34.65 -0.30 7.93
C LYS A 197 -36.02 -0.16 7.26
N ASP A 198 -36.29 1.03 6.72
CA ASP A 198 -37.59 1.35 6.11
C ASP A 198 -37.55 1.37 4.59
N TRP A 199 -36.55 0.71 4.00
CA TRP A 199 -36.50 0.53 2.55
C TRP A 199 -37.24 -0.74 2.09
N ASP A 200 -37.99 -1.35 3.00
CA ASP A 200 -38.79 -2.54 2.70
C ASP A 200 -39.95 -2.28 1.74
N LYS A 201 -40.42 -1.03 1.69
CA LYS A 201 -41.52 -0.64 0.83
C LYS A 201 -41.06 -0.14 -0.54
N ILE A 202 -39.74 0.01 -0.73
CA ILE A 202 -39.20 0.39 -2.03
C ILE A 202 -38.95 -0.87 -2.87
N ILE A 203 -39.74 -1.06 -3.93
CA ILE A 203 -39.65 -2.26 -4.76
C ILE A 203 -38.90 -1.97 -6.05
N LYS A 204 -37.66 -2.45 -6.14
CA LYS A 204 -36.82 -2.21 -7.30
C LYS A 204 -36.73 -3.48 -8.13
N ILE A 205 -36.13 -3.37 -9.32
CA ILE A 205 -35.98 -4.51 -10.19
C ILE A 205 -34.63 -5.19 -9.99
N GLY A 206 -34.64 -6.52 -9.94
CA GLY A 206 -33.41 -7.29 -9.84
C GLY A 206 -32.69 -7.35 -11.17
N ARG A 207 -31.36 -7.41 -11.10
CA ARG A 207 -30.55 -7.61 -12.30
C ARG A 207 -29.60 -8.80 -12.13
N THR A 208 -29.70 -9.75 -13.05
CA THR A 208 -28.81 -10.90 -13.08
C THR A 208 -28.15 -10.93 -14.46
N HIS A 209 -26.84 -11.14 -14.48
CA HIS A 209 -26.03 -10.97 -15.68
C HIS A 209 -26.10 -9.52 -16.18
N LEU A 210 -26.40 -8.60 -15.27
CA LEU A 210 -26.76 -7.21 -15.61
C LEU A 210 -27.98 -7.11 -16.56
N GLN A 211 -28.78 -8.18 -16.63
CA GLN A 211 -30.00 -8.17 -17.43
C GLN A 211 -31.24 -8.05 -16.53
N ASP A 212 -32.30 -7.45 -17.07
CA ASP A 212 -33.55 -7.26 -16.33
C ASP A 212 -34.06 -8.60 -15.81
N ALA A 213 -34.45 -8.64 -14.54
CA ALA A 213 -34.93 -9.87 -13.91
C ALA A 213 -36.24 -9.59 -13.19
N THR A 214 -36.48 -10.23 -12.06
CA THR A 214 -37.71 -10.01 -11.28
C THR A 214 -37.43 -9.07 -10.10
N PRO A 215 -38.50 -8.57 -9.45
CA PRO A 215 -38.27 -7.54 -8.42
C PRO A 215 -37.76 -8.05 -7.06
N LEU A 216 -37.15 -7.14 -6.31
CA LEU A 216 -36.89 -7.32 -4.87
C LEU A 216 -36.95 -5.95 -4.22
N THR A 217 -37.12 -5.93 -2.91
CA THR A 217 -37.12 -4.67 -2.15
C THR A 217 -35.69 -4.13 -2.08
N LEU A 218 -35.54 -2.82 -2.01
CA LEU A 218 -34.24 -2.20 -1.83
C LEU A 218 -33.59 -2.73 -0.56
N LYS A 219 -34.41 -2.88 0.49
CA LYS A 219 -33.94 -3.45 1.77
C LYS A 219 -33.33 -4.84 1.59
N GLN A 220 -34.03 -5.71 0.87
CA GLN A 220 -33.52 -7.07 0.61
C GLN A 220 -32.15 -7.08 -0.07
N GLU A 221 -31.99 -6.23 -1.07
CA GLU A 221 -30.70 -6.09 -1.74
C GLU A 221 -29.61 -5.68 -0.75
N PHE A 222 -29.93 -4.75 0.15
CA PHE A 222 -28.96 -4.33 1.16
C PHE A 222 -28.72 -5.41 2.22
N SER A 223 -29.68 -6.31 2.40
CA SER A 223 -29.55 -7.40 3.37
C SER A 223 -28.39 -8.33 3.02
N GLY A 224 -28.14 -8.51 1.74
CA GLY A 224 -26.96 -9.25 1.28
C GLY A 224 -25.70 -8.63 1.84
N TYR A 225 -25.57 -7.31 1.68
CA TYR A 225 -24.36 -6.60 2.09
C TYR A 225 -24.20 -6.71 3.58
N ILE A 226 -25.30 -6.53 4.29
CA ILE A 226 -25.30 -6.66 5.74
C ILE A 226 -24.78 -8.04 6.13
N THR A 227 -25.29 -9.10 5.50
CA THR A 227 -24.81 -10.46 5.76
C THR A 227 -23.29 -10.62 5.52
N GLN A 228 -22.77 -10.01 4.45
CA GLN A 228 -21.35 -10.08 4.12
C GLN A 228 -20.47 -9.51 5.22
N ILE A 229 -20.91 -8.39 5.80
CA ILE A 229 -20.19 -7.75 6.89
C ILE A 229 -20.34 -8.53 8.21
N GLU A 230 -21.52 -9.10 8.47
CA GLU A 230 -21.69 -9.91 9.70
C GLU A 230 -20.76 -11.13 9.64
N TYR A 231 -20.66 -11.71 8.45
CA TYR A 231 -19.76 -12.86 8.21
C TYR A 231 -18.29 -12.46 8.23
N ALA A 232 -17.97 -11.25 7.81
CA ALA A 232 -16.61 -10.73 7.94
C ALA A 232 -16.22 -10.77 9.42
N LEU A 233 -17.10 -10.26 10.28
CA LEU A 233 -16.85 -10.23 11.72
C LEU A 233 -16.67 -11.62 12.33
N GLU A 234 -17.47 -12.60 11.92
CA GLU A 234 -17.30 -13.98 12.38
C GLU A 234 -15.96 -14.56 11.91
N ARG A 235 -15.61 -14.31 10.64
CA ARG A 235 -14.36 -14.81 10.08
C ARG A 235 -13.13 -14.30 10.84
N ILE A 236 -13.15 -13.01 11.22
CA ILE A 236 -12.07 -12.42 12.04
C ILE A 236 -11.90 -13.13 13.37
N GLU A 237 -13.01 -13.43 14.05
CA GLU A 237 -12.96 -14.11 15.34
C GLU A 237 -12.29 -15.47 15.22
N ASP A 238 -12.64 -16.24 14.19
CA ASP A 238 -11.96 -17.51 13.93
C ASP A 238 -10.49 -17.32 13.54
N ALA A 239 -10.19 -16.26 12.80
CA ALA A 239 -8.83 -16.03 12.33
C ALA A 239 -7.91 -15.60 13.47
N LEU A 240 -8.47 -14.90 14.47
CA LEU A 240 -7.69 -14.48 15.64
C LEU A 240 -7.27 -15.62 16.56
N LYS A 241 -7.96 -16.76 16.50
CA LYS A 241 -7.72 -17.84 17.48
C LYS A 241 -6.23 -18.17 17.63
N LYS A 242 -5.52 -18.40 16.52
CA LYS A 242 -4.11 -18.72 16.59
C LYS A 242 -3.20 -17.48 16.76
N VAL A 243 -3.73 -16.28 16.52
CA VAL A 243 -2.94 -15.07 16.69
C VAL A 243 -2.80 -14.69 18.17
N TYR A 244 -3.75 -15.14 18.99
CA TYR A 244 -3.62 -14.98 20.44
C TYR A 244 -2.43 -15.76 21.02
N LEU A 245 -1.96 -16.79 20.32
CA LEU A 245 -0.90 -17.66 20.84
C LEU A 245 0.50 -17.06 20.56
N LEU A 246 1.33 -16.96 21.59
CA LEU A 246 2.59 -16.20 21.52
C LEU A 246 3.84 -17.10 21.54
N ALA A 247 4.83 -16.73 20.73
CA ALA A 247 6.11 -17.44 20.64
C ALA A 247 7.02 -17.26 21.87
N GLN A 248 6.82 -16.19 22.64
CA GLN A 248 7.76 -15.81 23.69
C GLN A 248 8.12 -16.98 24.63
N GLY A 249 9.40 -17.29 24.71
CA GLY A 249 9.89 -18.43 25.49
C GLY A 249 10.60 -19.49 24.66
N GLY A 250 10.39 -19.49 23.36
CA GLY A 250 11.08 -20.42 22.47
C GLY A 250 12.56 -20.11 22.32
N THR A 251 12.94 -18.88 22.63
CA THR A 251 14.28 -18.34 22.41
C THR A 251 14.78 -18.60 20.97
N ALA A 252 16.01 -19.05 20.80
CA ALA A 252 16.70 -19.00 19.50
C ALA A 252 16.11 -19.95 18.45
N VAL A 253 15.97 -21.23 18.80
CA VAL A 253 15.50 -22.24 17.85
C VAL A 253 14.15 -22.87 18.22
N GLY A 254 13.66 -22.59 19.43
CA GLY A 254 12.37 -23.12 19.88
C GLY A 254 12.47 -24.01 21.10
N THR A 255 13.69 -24.33 21.53
CA THR A 255 13.91 -25.27 22.61
C THR A 255 13.67 -24.64 23.99
N GLY A 256 13.76 -23.32 24.06
CA GLY A 256 13.56 -22.59 25.30
C GLY A 256 14.81 -22.49 26.16
N ILE A 257 15.95 -22.71 25.54
CA ILE A 257 17.24 -22.61 26.21
C ILE A 257 17.47 -21.15 26.64
N ASN A 258 18.07 -20.96 27.81
CA ASN A 258 18.17 -19.64 28.47
C ASN A 258 16.82 -19.04 28.86
N SER A 259 15.80 -19.89 29.03
CA SER A 259 14.49 -19.44 29.51
C SER A 259 14.03 -20.39 30.62
N LYS A 260 13.75 -19.84 31.79
CA LYS A 260 13.31 -20.66 32.92
C LYS A 260 11.93 -21.25 32.69
N ILE A 261 11.73 -22.49 33.15
CA ILE A 261 10.42 -23.10 33.12
C ILE A 261 9.41 -22.17 33.75
N GLY A 262 8.29 -21.96 33.05
CA GLY A 262 7.21 -21.11 33.53
C GLY A 262 7.23 -19.69 32.98
N PHE A 263 8.36 -19.24 32.44
CA PHE A 263 8.47 -17.89 31.91
C PHE A 263 7.41 -17.65 30.85
N ASP A 264 7.28 -18.61 29.93
CA ASP A 264 6.31 -18.52 28.82
C ASP A 264 4.87 -18.26 29.29
N ILE A 265 4.41 -19.04 30.26
CA ILE A 265 3.05 -18.93 30.79
C ILE A 265 2.86 -17.62 31.53
N LYS A 266 3.82 -17.26 32.38
CA LYS A 266 3.74 -16.04 33.16
C LYS A 266 3.86 -14.76 32.31
N PHE A 267 4.65 -14.82 31.24
CA PHE A 267 4.73 -13.70 30.29
C PHE A 267 3.39 -13.48 29.57
N ALA A 268 2.78 -14.57 29.11
CA ALA A 268 1.49 -14.49 28.40
C ALA A 268 0.40 -13.89 29.28
N GLN A 269 0.38 -14.30 30.55
CA GLN A 269 -0.59 -13.79 31.53
C GLN A 269 -0.49 -12.29 31.68
N LYS A 270 0.74 -11.80 31.86
CA LYS A 270 1.01 -10.38 32.01
C LYS A 270 0.49 -9.57 30.83
N VAL A 271 0.78 -10.04 29.61
CA VAL A 271 0.33 -9.39 28.39
C VAL A 271 -1.20 -9.41 28.29
N ALA A 272 -1.79 -10.50 28.77
CA ALA A 272 -3.24 -10.61 28.81
C ALA A 272 -3.81 -9.58 29.78
N GLU A 273 -3.16 -9.37 30.91
CA GLU A 273 -3.62 -8.37 31.89
C GLU A 273 -3.54 -6.95 31.35
N PHE A 274 -2.40 -6.62 30.75
CA PHE A 274 -2.18 -5.27 30.27
C PHE A 274 -3.07 -4.91 29.08
N THR A 275 -3.30 -5.87 28.17
CA THR A 275 -4.07 -5.60 26.96
C THR A 275 -5.56 -5.85 27.17
N GLN A 276 -5.89 -6.66 28.18
CA GLN A 276 -7.25 -7.18 28.41
C GLN A 276 -7.74 -8.02 27.24
N GLN A 277 -6.83 -8.79 26.64
CA GLN A 277 -7.13 -9.67 25.52
C GLN A 277 -6.66 -11.09 25.88
N PRO A 278 -7.32 -12.12 25.32
CA PRO A 278 -7.06 -13.48 25.80
C PRO A 278 -5.81 -14.15 25.20
N PHE A 279 -4.65 -13.58 25.50
CA PHE A 279 -3.38 -14.10 25.01
C PHE A 279 -2.92 -15.30 25.82
N LYS A 280 -2.35 -16.29 25.13
CA LYS A 280 -1.75 -17.46 25.76
C LYS A 280 -0.42 -17.77 25.09
N THR A 281 0.34 -18.70 25.66
CA THR A 281 1.58 -19.13 25.02
C THR A 281 1.25 -20.21 24.01
N ALA A 282 2.01 -20.24 22.91
CA ALA A 282 1.86 -21.28 21.88
C ALA A 282 2.37 -22.61 22.43
N PRO A 283 1.56 -23.67 22.33
CA PRO A 283 1.99 -25.00 22.76
C PRO A 283 3.30 -25.46 22.11
N ASN A 284 3.39 -25.30 20.79
CA ASN A 284 4.58 -25.71 20.06
C ASN A 284 5.37 -24.50 19.52
N LYS A 285 6.47 -24.18 20.19
CA LYS A 285 7.29 -23.01 19.89
C LYS A 285 8.01 -23.12 18.54
N PHE A 286 8.29 -24.36 18.10
CA PHE A 286 8.98 -24.56 16.82
C PHE A 286 8.12 -24.08 15.65
N GLU A 287 6.83 -24.44 15.68
CA GLU A 287 5.86 -23.97 14.68
C GLU A 287 5.74 -22.44 14.65
N SER A 288 5.93 -21.80 15.80
CA SER A 288 5.79 -20.35 15.92
C SER A 288 7.00 -19.58 15.37
N LEU A 289 8.16 -20.24 15.33
CA LEU A 289 9.40 -19.63 14.83
C LEU A 289 9.60 -19.93 13.34
N ALA A 290 9.34 -21.18 12.96
CA ALA A 290 9.65 -21.67 11.63
C ALA A 290 8.67 -21.18 10.56
N ALA A 291 7.52 -20.65 10.98
CA ALA A 291 6.47 -20.26 10.03
C ALA A 291 5.60 -19.14 10.59
N HIS A 292 4.79 -18.56 9.71
CA HIS A 292 3.78 -17.62 10.11
C HIS A 292 2.45 -17.95 9.42
N ASP A 293 2.11 -19.23 9.50
CA ASP A 293 0.87 -19.75 8.93
C ASP A 293 -0.35 -19.02 9.52
N ALA A 294 -0.29 -18.67 10.79
CA ALA A 294 -1.40 -17.96 11.45
C ALA A 294 -1.64 -16.61 10.78
N LEU A 295 -0.58 -15.86 10.51
CA LEU A 295 -0.72 -14.60 9.80
C LEU A 295 -1.08 -14.78 8.31
N VAL A 296 -0.72 -15.91 7.71
CA VAL A 296 -1.11 -16.21 6.33
C VAL A 296 -2.60 -16.53 6.27
N GLU A 297 -3.10 -17.24 7.27
CA GLU A 297 -4.53 -17.50 7.38
C GLU A 297 -5.31 -16.21 7.66
N PHE A 298 -4.79 -15.37 8.55
CA PHE A 298 -5.39 -14.07 8.85
C PHE A 298 -5.42 -13.18 7.61
N SER A 299 -4.33 -13.12 6.87
CA SER A 299 -4.31 -12.37 5.63
C SER A 299 -5.41 -12.85 4.67
N GLY A 300 -5.62 -14.17 4.62
CA GLY A 300 -6.68 -14.75 3.82
C GLY A 300 -8.06 -14.23 4.18
N THR A 301 -8.29 -14.00 5.47
CA THR A 301 -9.54 -13.43 5.92
C THR A 301 -9.66 -11.95 5.52
N LEU A 302 -8.57 -11.19 5.66
CA LEU A 302 -8.54 -9.81 5.17
C LEU A 302 -8.85 -9.75 3.68
N ASN A 303 -8.28 -10.70 2.93
CA ASN A 303 -8.54 -10.86 1.49
C ASN A 303 -10.04 -11.01 1.17
N THR A 304 -10.71 -11.87 1.94
CA THR A 304 -12.13 -12.11 1.77
C THR A 304 -12.92 -10.84 2.06
N ILE A 305 -12.49 -10.10 3.07
CA ILE A 305 -13.16 -8.87 3.43
C ILE A 305 -13.00 -7.88 2.29
N ALA A 306 -11.83 -7.84 1.69
CA ALA A 306 -11.59 -6.99 0.50
C ALA A 306 -12.52 -7.36 -0.65
N VAL A 307 -12.75 -8.66 -0.85
CA VAL A 307 -13.66 -9.16 -1.88
C VAL A 307 -15.09 -8.75 -1.59
N SER A 308 -15.53 -8.86 -0.33
CA SER A 308 -16.86 -8.43 0.06
C SER A 308 -17.05 -6.93 -0.17
N LEU A 309 -16.14 -6.11 0.35
CA LEU A 309 -16.23 -4.66 0.19
C LEU A 309 -16.21 -4.23 -1.27
N MET A 310 -15.44 -4.94 -2.10
CA MET A 310 -15.37 -4.62 -3.52
C MET A 310 -16.76 -4.78 -4.15
N LYS A 311 -17.48 -5.84 -3.78
CA LYS A 311 -18.81 -6.08 -4.33
C LYS A 311 -19.78 -4.99 -3.85
N ILE A 312 -19.71 -4.64 -2.57
CA ILE A 312 -20.64 -3.69 -2.00
C ILE A 312 -20.43 -2.29 -2.60
N ALA A 313 -19.17 -1.87 -2.63
CA ALA A 313 -18.81 -0.56 -3.16
C ALA A 313 -19.11 -0.46 -4.65
N ASN A 314 -18.82 -1.51 -5.41
CA ASN A 314 -19.11 -1.53 -6.86
C ASN A 314 -20.60 -1.41 -7.14
N ASP A 315 -21.43 -2.07 -6.33
CA ASP A 315 -22.89 -1.98 -6.50
C ASP A 315 -23.38 -0.57 -6.25
N ILE A 316 -22.92 0.05 -5.18
CA ILE A 316 -23.37 1.40 -4.86
C ILE A 316 -22.98 2.36 -5.98
N ARG A 317 -21.76 2.21 -6.51
CA ARG A 317 -21.33 3.00 -7.66
C ARG A 317 -22.22 2.78 -8.88
N LEU A 318 -22.56 1.54 -9.14
CA LEU A 318 -23.37 1.19 -10.31
C LEU A 318 -24.81 1.66 -10.17
N LEU A 319 -25.37 1.52 -8.96
CA LEU A 319 -26.72 1.94 -8.66
C LEU A 319 -26.88 3.46 -8.67
N GLY A 320 -25.80 4.18 -8.32
CA GLY A 320 -25.82 5.63 -8.34
C GLY A 320 -25.25 6.24 -9.62
N SER A 321 -24.99 5.42 -10.62
CA SER A 321 -24.45 5.91 -11.89
C SER A 321 -25.42 6.89 -12.54
N GLY A 322 -24.90 7.95 -13.13
CA GLY A 322 -25.74 8.92 -13.85
C GLY A 322 -25.16 10.31 -13.79
N PRO A 323 -25.97 11.32 -13.42
CA PRO A 323 -27.33 11.23 -12.90
C PRO A 323 -28.45 10.93 -13.91
N ARG A 324 -28.20 10.99 -15.20
CA ARG A 324 -29.28 10.78 -16.19
C ARG A 324 -29.03 9.64 -17.19
N CYS A 325 -27.76 9.34 -17.49
CA CYS A 325 -27.43 8.38 -18.54
C CYS A 325 -27.00 6.99 -18.03
N GLY A 326 -27.30 6.66 -16.77
CA GLY A 326 -26.91 5.38 -16.17
C GLY A 326 -28.11 4.66 -15.55
N LEU A 327 -27.93 4.15 -14.34
CA LEU A 327 -29.02 3.47 -13.64
C LEU A 327 -29.84 4.44 -12.79
N GLY A 328 -29.17 5.24 -11.97
CA GLY A 328 -29.82 6.34 -11.24
C GLY A 328 -30.72 5.97 -10.07
N GLU A 329 -30.55 4.77 -9.51
CA GLU A 329 -31.44 4.29 -8.44
C GLU A 329 -31.09 4.88 -7.07
N LEU A 330 -29.82 5.19 -6.84
CA LEU A 330 -29.36 5.78 -5.58
C LEU A 330 -28.76 7.17 -5.80
N HIS A 331 -28.98 8.07 -4.86
CA HIS A 331 -28.29 9.36 -4.83
C HIS A 331 -27.16 9.31 -3.81
N LEU A 332 -25.92 9.41 -4.30
CA LEU A 332 -24.74 9.44 -3.43
C LEU A 332 -24.47 10.87 -2.97
N PRO A 333 -24.13 11.06 -1.68
CA PRO A 333 -23.81 12.41 -1.21
C PRO A 333 -22.70 13.06 -2.01
N GLU A 334 -22.91 14.32 -2.38
CA GLU A 334 -21.96 15.07 -3.21
C GLU A 334 -21.05 15.88 -2.28
N ASN A 335 -19.76 15.53 -2.28
CA ASN A 335 -18.78 16.07 -1.31
C ASN A 335 -17.75 17.04 -1.89
N GLU A 336 -17.53 16.99 -3.21
CA GLU A 336 -16.56 17.88 -3.86
C GLU A 336 -16.82 18.00 -5.37
N PRO A 337 -16.19 19.00 -6.02
CA PRO A 337 -16.21 19.07 -7.48
C PRO A 337 -15.48 17.87 -8.11
N GLY A 338 -16.11 17.23 -9.08
CA GLY A 338 -15.52 16.09 -9.77
C GLY A 338 -14.64 16.41 -10.97
N SER A 339 -14.77 17.62 -11.51
CA SER A 339 -14.10 17.98 -12.76
C SER A 339 -13.86 19.48 -12.93
N SER A 340 -12.78 19.79 -13.65
CA SER A 340 -12.42 21.18 -13.98
C SER A 340 -13.05 21.67 -15.28
N ILE A 341 -13.19 20.78 -16.26
CA ILE A 341 -13.81 21.11 -17.56
C ILE A 341 -15.33 21.03 -17.51
N MET A 342 -15.85 20.10 -16.70
CA MET A 342 -17.29 19.83 -16.61
C MET A 342 -17.83 20.21 -15.22
N PRO A 343 -18.15 21.50 -15.02
CA PRO A 343 -18.59 21.93 -13.68
C PRO A 343 -19.97 21.38 -13.36
N GLY A 344 -20.19 21.07 -12.09
CA GLY A 344 -21.43 20.43 -11.65
C GLY A 344 -21.36 18.91 -11.62
N LYS A 345 -20.35 18.32 -12.26
CA LYS A 345 -20.16 16.87 -12.22
C LYS A 345 -19.67 16.45 -10.84
N VAL A 346 -20.33 15.44 -10.27
CA VAL A 346 -19.91 14.87 -9.00
C VAL A 346 -19.65 13.36 -9.17
N ASN A 347 -18.53 12.92 -8.61
CA ASN A 347 -18.07 11.55 -8.78
C ASN A 347 -18.16 10.78 -7.46
N PRO A 348 -18.36 9.45 -7.54
CA PRO A 348 -18.42 8.60 -6.35
C PRO A 348 -17.05 8.35 -5.75
N THR A 349 -16.43 9.41 -5.24
CA THR A 349 -15.02 9.38 -4.88
C THR A 349 -14.70 8.45 -3.70
N GLN A 350 -15.64 8.30 -2.75
CA GLN A 350 -15.42 7.42 -1.60
C GLN A 350 -15.38 5.95 -2.02
N VAL A 351 -16.28 5.55 -2.91
CA VAL A 351 -16.23 4.23 -3.56
C VAL A 351 -14.91 3.98 -4.27
N GLU A 352 -14.33 5.01 -4.86
CA GLU A 352 -13.07 4.87 -5.58
C GLU A 352 -11.92 4.62 -4.60
N ALA A 353 -11.90 5.37 -3.51
CA ALA A 353 -10.86 5.20 -2.51
C ALA A 353 -10.94 3.81 -1.87
N LEU A 354 -12.17 3.33 -1.66
CA LEU A 354 -12.35 2.03 -0.98
C LEU A 354 -11.99 0.86 -1.88
N THR A 355 -12.44 0.92 -3.14
CA THR A 355 -12.16 -0.17 -4.09
C THR A 355 -10.68 -0.22 -4.45
N MET A 356 -10.03 0.95 -4.49
CA MET A 356 -8.58 0.99 -4.66
C MET A 356 -7.88 0.28 -3.49
N VAL A 357 -8.34 0.54 -2.26
CA VAL A 357 -7.78 -0.12 -1.07
C VAL A 357 -7.96 -1.63 -1.14
N CYS A 358 -9.13 -2.07 -1.59
CA CYS A 358 -9.41 -3.48 -1.77
C CYS A 358 -8.37 -4.16 -2.65
N THR A 359 -8.04 -3.54 -3.79
CA THR A 359 -7.01 -4.08 -4.67
C THR A 359 -5.65 -4.12 -3.94
N GLN A 360 -5.37 -3.12 -3.11
CA GLN A 360 -4.12 -3.12 -2.32
C GLN A 360 -4.07 -4.32 -1.34
N VAL A 361 -5.16 -4.62 -0.68
CA VAL A 361 -5.21 -5.74 0.26
C VAL A 361 -5.01 -7.07 -0.47
N MET A 362 -5.60 -7.21 -1.65
CA MET A 362 -5.46 -8.45 -2.42
C MET A 362 -4.02 -8.73 -2.78
N GLY A 363 -3.30 -7.68 -3.15
CA GLY A 363 -1.88 -7.80 -3.46
C GLY A 363 -1.03 -8.02 -2.23
N ASN A 364 -1.30 -7.25 -1.17
CA ASN A 364 -0.64 -7.47 0.12
C ASN A 364 -0.72 -8.93 0.57
N HIS A 365 -1.83 -9.58 0.25
CA HIS A 365 -2.04 -10.97 0.61
C HIS A 365 -1.11 -11.94 -0.11
N VAL A 366 -0.84 -11.66 -1.38
CA VAL A 366 0.08 -12.50 -2.18
C VAL A 366 1.48 -12.37 -1.61
N THR A 367 1.91 -11.14 -1.32
CA THR A 367 3.20 -10.94 -0.67
C THR A 367 3.31 -11.79 0.60
N VAL A 368 2.28 -11.71 1.46
CA VAL A 368 2.28 -12.47 2.72
C VAL A 368 2.34 -13.98 2.45
N THR A 369 1.59 -14.44 1.44
CA THR A 369 1.57 -15.85 1.06
C THR A 369 2.95 -16.31 0.61
N ILE A 370 3.57 -15.56 -0.30
CA ILE A 370 4.87 -15.96 -0.81
C ILE A 370 5.93 -15.91 0.30
N ALA A 371 5.98 -14.81 1.04
CA ALA A 371 6.89 -14.70 2.19
C ALA A 371 6.67 -15.85 3.18
N GLY A 372 5.42 -16.14 3.52
CA GLY A 372 5.12 -17.24 4.44
C GLY A 372 5.61 -18.61 3.98
N SER A 373 5.69 -18.81 2.66
CA SER A 373 6.10 -20.09 2.07
C SER A 373 7.61 -20.30 1.99
N ASN A 374 8.39 -19.27 2.35
CA ASN A 374 9.85 -19.32 2.21
C ASN A 374 10.55 -19.48 3.55
N GLY A 375 9.96 -20.24 4.46
CA GLY A 375 10.65 -20.61 5.69
C GLY A 375 11.74 -21.62 5.41
N HIS A 376 12.78 -21.59 6.23
CA HIS A 376 13.85 -22.58 6.21
C HIS A 376 14.12 -23.12 7.61
N LEU A 377 13.96 -24.43 7.76
CA LEU A 377 14.23 -25.13 9.01
C LEU A 377 13.65 -24.40 10.24
N GLU A 378 14.51 -23.99 11.18
CA GLU A 378 14.06 -23.45 12.45
C GLU A 378 13.47 -22.03 12.42
N LEU A 379 13.63 -21.29 11.32
CA LEU A 379 13.20 -19.89 11.30
C LEU A 379 12.68 -19.37 9.95
N ASN A 380 11.49 -18.77 9.98
CA ASN A 380 11.04 -18.02 8.81
C ASN A 380 11.57 -16.60 8.93
N VAL A 381 12.45 -16.23 8.00
CA VAL A 381 13.15 -14.93 8.05
C VAL A 381 12.62 -13.99 6.97
N PHE A 382 11.30 -13.82 6.97
CA PHE A 382 10.60 -12.87 6.13
C PHE A 382 9.60 -12.11 7.01
N LYS A 383 9.96 -11.91 8.27
CA LYS A 383 9.02 -11.48 9.29
C LYS A 383 8.61 -10.03 9.13
N PRO A 384 9.58 -9.11 8.93
CA PRO A 384 9.17 -7.70 8.80
C PRO A 384 8.18 -7.45 7.67
N VAL A 385 8.43 -8.03 6.51
CA VAL A 385 7.55 -7.78 5.36
C VAL A 385 6.16 -8.38 5.60
N ILE A 386 6.09 -9.53 6.27
CA ILE A 386 4.79 -10.12 6.59
C ILE A 386 3.97 -9.20 7.50
N ILE A 387 4.53 -8.79 8.64
CA ILE A 387 3.77 -7.96 9.59
C ILE A 387 3.45 -6.56 9.02
N TYR A 388 4.33 -6.05 8.16
CA TYR A 388 4.12 -4.75 7.52
C TYR A 388 2.89 -4.79 6.63
N ASN A 389 2.77 -5.81 5.80
CA ASN A 389 1.57 -5.97 4.97
C ASN A 389 0.29 -6.18 5.80
N ILE A 390 0.33 -7.06 6.80
CA ILE A 390 -0.85 -7.34 7.64
C ILE A 390 -1.40 -6.06 8.28
N LEU A 391 -0.50 -5.31 8.91
CA LEU A 391 -0.86 -4.08 9.58
C LEU A 391 -1.34 -3.00 8.61
N GLN A 392 -0.70 -2.88 7.45
CA GLN A 392 -1.15 -1.93 6.42
C GLN A 392 -2.56 -2.30 5.93
N SER A 393 -2.78 -3.57 5.65
CA SER A 393 -4.09 -4.02 5.21
C SER A 393 -5.17 -3.68 6.24
N ILE A 394 -4.85 -3.86 7.53
CA ILE A 394 -5.82 -3.56 8.59
C ILE A 394 -6.10 -2.06 8.68
N GLU A 395 -5.06 -1.24 8.64
CA GLU A 395 -5.25 0.20 8.76
C GLU A 395 -6.08 0.75 7.60
N LEU A 396 -5.76 0.32 6.38
CA LEU A 396 -6.38 0.83 5.17
C LEU A 396 -7.86 0.42 5.04
N LEU A 397 -8.16 -0.85 5.32
CA LEU A 397 -9.54 -1.31 5.36
C LEU A 397 -10.33 -0.51 6.40
N SER A 398 -9.74 -0.30 7.58
CA SER A 398 -10.44 0.39 8.66
C SER A 398 -10.65 1.87 8.32
N ASP A 399 -9.58 2.57 7.94
CA ASP A 399 -9.70 4.01 7.62
C ASP A 399 -10.68 4.25 6.47
N SER A 400 -10.58 3.45 5.41
CA SER A 400 -11.42 3.66 4.22
C SER A 400 -12.87 3.25 4.46
N VAL A 401 -13.11 2.17 5.19
CA VAL A 401 -14.50 1.84 5.57
C VAL A 401 -15.13 2.96 6.40
N ASN A 402 -14.39 3.48 7.36
CA ASN A 402 -14.85 4.59 8.18
C ASN A 402 -15.23 5.84 7.37
N SER A 403 -14.38 6.20 6.42
CA SER A 403 -14.60 7.34 5.52
C SER A 403 -15.81 7.13 4.60
N PHE A 404 -15.92 5.92 4.08
CA PHE A 404 -17.00 5.53 3.21
C PHE A 404 -18.34 5.63 3.92
N VAL A 405 -18.37 5.26 5.20
CA VAL A 405 -19.60 5.36 5.98
C VAL A 405 -19.96 6.84 6.19
N THR A 406 -19.01 7.59 6.74
CA THR A 406 -19.22 9.00 7.03
C THR A 406 -19.64 9.78 5.79
N HIS A 407 -18.94 9.57 4.68
CA HIS A 407 -19.11 10.44 3.53
C HIS A 407 -19.89 9.82 2.38
N CYS A 408 -20.45 8.62 2.56
CA CYS A 408 -21.27 8.01 1.50
C CYS A 408 -22.49 7.27 2.06
N VAL A 409 -22.28 6.23 2.85
CA VAL A 409 -23.39 5.43 3.38
C VAL A 409 -24.37 6.25 4.23
N LYS A 410 -23.84 7.06 5.13
CA LYS A 410 -24.66 7.94 5.99
C LYS A 410 -25.77 8.67 5.24
N GLY A 411 -25.42 9.26 4.09
CA GLY A 411 -26.35 10.12 3.35
C GLY A 411 -26.97 9.53 2.09
N LEU A 412 -26.75 8.24 1.81
CA LEU A 412 -27.40 7.58 0.69
C LEU A 412 -28.92 7.74 0.74
N GLU A 413 -29.51 8.11 -0.39
CA GLU A 413 -30.96 8.15 -0.52
C GLU A 413 -31.36 7.44 -1.81
N PRO A 414 -32.47 6.71 -1.78
CA PRO A 414 -33.01 6.16 -3.01
C PRO A 414 -33.73 7.23 -3.82
N ASN A 415 -33.61 7.18 -5.14
CA ASN A 415 -34.44 7.99 -6.04
C ASN A 415 -35.70 7.18 -6.39
N ILE A 416 -36.76 7.35 -5.61
CA ILE A 416 -37.89 6.43 -5.63
C ILE A 416 -38.67 6.44 -6.95
N ALA A 417 -38.86 7.63 -7.51
CA ALA A 417 -39.55 7.78 -8.79
C ALA A 417 -38.81 7.05 -9.91
N ARG A 418 -37.49 7.18 -9.91
CA ARG A 418 -36.64 6.48 -10.88
C ARG A 418 -36.65 4.97 -10.66
N ILE A 419 -36.64 4.55 -9.40
CA ILE A 419 -36.69 3.13 -9.07
C ILE A 419 -37.96 2.51 -9.62
N ASN A 420 -39.07 3.23 -9.52
CA ASN A 420 -40.39 2.77 -9.98
C ASN A 420 -40.47 2.67 -11.49
N THR A 421 -40.03 3.72 -12.16
CA THR A 421 -39.98 3.76 -13.62
C THR A 421 -39.29 2.50 -14.14
N LEU A 422 -38.07 2.26 -13.63
CA LEU A 422 -37.28 1.12 -14.08
C LEU A 422 -37.97 -0.22 -13.82
N ARG A 423 -38.61 -0.37 -12.67
CA ARG A 423 -39.29 -1.62 -12.34
C ARG A 423 -40.35 -1.96 -13.39
N ASP A 424 -41.15 -0.98 -13.78
CA ASP A 424 -42.24 -1.19 -14.73
C ASP A 424 -41.76 -1.46 -16.16
N LYS A 425 -40.52 -1.10 -16.49
CA LYS A 425 -40.00 -1.37 -17.81
C LYS A 425 -39.67 -2.85 -18.02
N SER A 426 -39.47 -3.60 -16.92
CA SER A 426 -39.07 -5.00 -17.04
C SER A 426 -40.13 -5.91 -17.68
N LEU A 427 -39.75 -6.57 -18.77
CA LEU A 427 -40.62 -7.55 -19.42
C LEU A 427 -40.75 -8.83 -18.60
N MET A 428 -39.80 -9.08 -17.71
CA MET A 428 -39.78 -10.31 -16.93
C MET A 428 -40.74 -10.28 -15.73
N LEU A 429 -41.51 -9.20 -15.60
CA LEU A 429 -42.58 -9.13 -14.62
C LEU A 429 -43.64 -10.19 -14.91
N VAL A 430 -43.73 -10.60 -16.18
CA VAL A 430 -44.68 -11.64 -16.62
C VAL A 430 -44.73 -12.86 -15.68
N THR A 431 -43.57 -13.30 -15.18
CA THR A 431 -43.49 -14.48 -14.32
C THR A 431 -43.94 -14.24 -12.87
N VAL A 432 -44.06 -12.97 -12.49
CA VAL A 432 -44.65 -12.61 -11.21
C VAL A 432 -46.18 -12.55 -11.35
N LEU A 433 -46.65 -12.26 -12.58
CA LEU A 433 -48.08 -12.20 -12.88
C LEU A 433 -48.71 -13.59 -13.03
N ASN A 434 -47.93 -14.58 -13.49
CA ASN A 434 -48.49 -15.91 -13.82
C ASN A 434 -49.35 -16.56 -12.73
N PRO A 435 -48.84 -16.68 -11.49
CA PRO A 435 -49.64 -17.32 -10.42
C PRO A 435 -50.86 -16.51 -9.97
N HIS A 436 -50.77 -15.18 -10.06
CA HIS A 436 -51.86 -14.30 -9.64
C HIS A 436 -52.97 -14.22 -10.70
N ILE A 437 -52.60 -13.98 -11.96
CA ILE A 437 -53.56 -13.73 -13.05
C ILE A 437 -53.84 -14.94 -13.96
N GLY A 438 -53.01 -15.98 -13.88
CA GLY A 438 -53.10 -17.14 -14.78
C GLY A 438 -52.08 -17.03 -15.90
N TYR A 439 -51.56 -18.19 -16.34
CA TYR A 439 -50.49 -18.24 -17.35
C TYR A 439 -50.89 -17.61 -18.68
N ASP A 440 -52.07 -17.96 -19.18
CA ASP A 440 -52.54 -17.49 -20.47
C ASP A 440 -52.79 -15.98 -20.46
N ASN A 441 -53.47 -15.51 -19.40
CA ASN A 441 -53.79 -14.09 -19.26
C ASN A 441 -52.56 -13.18 -19.20
N ALA A 442 -51.52 -13.64 -18.52
CA ALA A 442 -50.23 -12.90 -18.46
C ALA A 442 -49.60 -12.86 -19.84
N ALA A 443 -49.73 -13.95 -20.59
CA ALA A 443 -49.23 -14.03 -21.97
C ALA A 443 -49.90 -12.97 -22.85
N LYS A 444 -51.21 -12.80 -22.69
CA LYS A 444 -51.97 -11.79 -23.45
C LYS A 444 -51.49 -10.37 -23.16
N ILE A 445 -51.21 -10.11 -21.88
CA ILE A 445 -50.69 -8.81 -21.46
C ILE A 445 -49.33 -8.53 -22.12
N ALA A 446 -48.43 -9.52 -22.08
CA ALA A 446 -47.08 -9.37 -22.61
C ALA A 446 -47.09 -9.26 -24.14
N LYS A 447 -48.03 -9.96 -24.77
CA LYS A 447 -48.25 -9.86 -26.22
C LYS A 447 -48.75 -8.47 -26.60
N GLU A 448 -49.74 -7.97 -25.84
CA GLU A 448 -50.28 -6.62 -26.04
C GLU A 448 -49.22 -5.55 -25.85
N ALA A 449 -48.33 -5.76 -24.87
CA ALA A 449 -47.24 -4.81 -24.56
C ALA A 449 -46.20 -4.75 -25.67
N HIS A 450 -45.96 -5.87 -26.35
CA HIS A 450 -45.04 -5.94 -27.49
C HIS A 450 -45.62 -5.31 -28.75
N LYS A 451 -46.91 -5.57 -28.99
CA LYS A 451 -47.61 -5.08 -30.19
C LYS A 451 -47.74 -3.56 -30.21
N TYR A 452 -48.33 -3.00 -29.15
CA TYR A 452 -48.50 -1.55 -29.04
C TYR A 452 -47.25 -0.82 -28.53
N GLY A 453 -46.27 -1.56 -28.03
CA GLY A 453 -45.01 -1.00 -27.56
C GLY A 453 -45.09 -0.28 -26.22
N ILE A 454 -46.00 -0.73 -25.35
CA ILE A 454 -46.23 -0.10 -24.04
C ILE A 454 -45.66 -0.95 -22.90
N THR A 455 -45.75 -0.44 -21.67
CA THR A 455 -45.37 -1.21 -20.47
C THR A 455 -46.37 -2.33 -20.21
N LEU A 456 -46.00 -3.27 -19.35
CA LEU A 456 -46.89 -4.35 -18.96
C LEU A 456 -48.07 -3.81 -18.11
N LYS A 457 -47.78 -2.79 -17.30
CA LYS A 457 -48.80 -2.12 -16.49
C LYS A 457 -49.84 -1.42 -17.35
N GLU A 458 -49.39 -0.69 -18.37
CA GLU A 458 -50.28 0.00 -19.30
C GLU A 458 -51.13 -0.99 -20.10
N ALA A 459 -50.52 -2.10 -20.50
CA ALA A 459 -51.22 -3.18 -21.21
C ALA A 459 -52.17 -3.95 -20.28
N ALA A 460 -51.85 -4.00 -18.99
CA ALA A 460 -52.73 -4.62 -17.99
C ALA A 460 -54.03 -3.81 -17.83
N LYS A 461 -53.90 -2.48 -17.77
CA LYS A 461 -55.06 -1.58 -17.67
C LYS A 461 -55.85 -1.54 -18.97
N LYS A 462 -55.15 -1.53 -20.10
CA LYS A 462 -55.78 -1.48 -21.42
C LYS A 462 -56.74 -2.65 -21.62
N LEU A 463 -56.33 -3.85 -21.22
CA LEU A 463 -57.16 -5.06 -21.40
C LEU A 463 -58.12 -5.34 -20.23
N ASN A 464 -58.22 -4.40 -19.28
CA ASN A 464 -59.18 -4.48 -18.17
C ASN A 464 -58.96 -5.67 -17.23
N PHE A 465 -57.72 -6.17 -17.16
CA PHE A 465 -57.37 -7.29 -16.29
C PHE A 465 -57.04 -6.82 -14.86
N LEU A 466 -56.35 -5.68 -14.77
CA LEU A 466 -55.64 -5.30 -13.55
C LEU A 466 -55.41 -3.79 -13.51
N SER A 467 -55.76 -3.15 -12.40
CA SER A 467 -55.55 -1.71 -12.23
C SER A 467 -54.07 -1.41 -11.97
N GLU A 468 -53.74 -0.12 -11.85
CA GLU A 468 -52.37 0.31 -11.56
C GLU A 468 -51.95 0.03 -10.11
N GLU A 469 -52.94 -0.03 -9.20
CA GLU A 469 -52.70 -0.34 -7.79
C GLU A 469 -52.65 -1.86 -7.53
N GLU A 470 -53.55 -2.60 -8.17
CA GLU A 470 -53.56 -4.07 -8.08
C GLU A 470 -52.31 -4.70 -8.72
N PHE A 471 -51.78 -4.04 -9.74
CA PHE A 471 -50.56 -4.49 -10.42
C PHE A 471 -49.37 -4.40 -9.49
N ASP A 472 -49.24 -3.28 -8.79
CA ASP A 472 -48.14 -3.07 -7.84
C ASP A 472 -48.16 -4.01 -6.63
N LYS A 473 -49.35 -4.46 -6.22
CA LYS A 473 -49.48 -5.39 -5.08
C LYS A 473 -49.01 -6.81 -5.42
N ILE A 474 -49.37 -7.30 -6.61
CA ILE A 474 -48.92 -8.62 -7.08
C ILE A 474 -47.39 -8.69 -7.24
N VAL A 475 -46.81 -7.57 -7.66
CA VAL A 475 -45.37 -7.47 -7.91
C VAL A 475 -44.52 -7.53 -6.63
N VAL A 476 -45.12 -7.18 -5.49
CA VAL A 476 -44.43 -7.23 -4.20
C VAL A 476 -43.90 -8.66 -3.92
N PRO A 477 -42.62 -8.78 -3.49
CA PRO A 477 -41.98 -10.09 -3.26
C PRO A 477 -42.72 -11.06 -2.32
N GLU A 478 -43.27 -10.54 -1.22
CA GLU A 478 -43.98 -11.37 -0.23
C GLU A 478 -43.05 -12.40 0.40
N ASN B 24 -4.70 33.21 12.04
CA ASN B 24 -3.92 32.03 11.57
C ASN B 24 -4.58 31.22 10.42
N TYR B 25 -5.78 31.64 9.99
CA TYR B 25 -6.48 30.99 8.86
C TYR B 25 -6.78 31.95 7.70
N ARG B 26 -6.77 31.41 6.48
CA ARG B 26 -7.23 32.10 5.27
C ARG B 26 -8.48 31.38 4.75
N ILE B 27 -9.41 32.12 4.14
CA ILE B 27 -10.61 31.52 3.56
C ILE B 27 -10.47 31.39 2.04
N GLU B 28 -10.76 30.20 1.53
CA GLU B 28 -10.77 29.93 0.09
C GLU B 28 -12.14 29.37 -0.26
N SER B 29 -12.40 29.19 -1.56
CA SER B 29 -13.69 28.69 -2.00
C SER B 29 -13.69 27.98 -3.35
N ASP B 30 -14.74 27.19 -3.54
CA ASP B 30 -15.07 26.57 -4.81
C ASP B 30 -16.60 26.55 -4.90
N SER B 31 -17.16 25.84 -5.87
CA SER B 31 -18.61 25.81 -6.05
C SER B 31 -19.41 25.18 -4.89
N PHE B 32 -18.72 24.55 -3.92
CA PHE B 32 -19.39 24.00 -2.72
C PHE B 32 -19.42 24.96 -1.54
N GLY B 33 -18.63 26.04 -1.60
CA GLY B 33 -18.68 27.09 -0.58
C GLY B 33 -17.31 27.45 -0.01
N GLU B 34 -17.33 28.03 1.18
CA GLU B 34 -16.11 28.54 1.82
C GLU B 34 -15.48 27.48 2.73
N ILE B 35 -14.16 27.54 2.84
CA ILE B 35 -13.42 26.56 3.63
C ILE B 35 -12.13 27.18 4.18
N GLN B 36 -11.73 26.70 5.36
CA GLN B 36 -10.59 27.27 6.09
C GLN B 36 -9.30 26.52 5.80
N ILE B 37 -8.24 27.28 5.54
CA ILE B 37 -6.92 26.75 5.29
C ILE B 37 -5.93 27.46 6.21
N GLU B 38 -5.04 26.69 6.83
CA GLU B 38 -4.00 27.28 7.68
C GLU B 38 -3.10 28.22 6.86
N GLU B 39 -2.93 29.44 7.37
CA GLU B 39 -2.33 30.57 6.62
C GLU B 39 -0.98 30.26 5.97
N LYS B 40 -0.15 29.48 6.66
CA LYS B 40 1.21 29.20 6.17
C LYS B 40 1.27 28.23 4.98
N PHE B 41 0.15 27.60 4.65
CA PHE B 41 0.11 26.67 3.51
C PHE B 41 -0.45 27.31 2.26
N TYR B 42 0.10 26.95 1.11
CA TYR B 42 -0.22 27.59 -0.17
C TYR B 42 -1.41 26.99 -0.94
N TRP B 43 -1.83 25.78 -0.57
CA TRP B 43 -2.89 25.10 -1.32
C TRP B 43 -4.24 25.79 -1.12
N GLY B 44 -5.24 25.37 -1.90
CA GLY B 44 -6.53 26.06 -1.95
C GLY B 44 -7.70 25.21 -1.48
N ALA B 45 -8.90 25.57 -1.92
CA ALA B 45 -10.14 25.00 -1.40
C ALA B 45 -10.30 23.51 -1.67
N GLN B 46 -9.92 23.06 -2.84
CA GLN B 46 -10.17 21.67 -3.23
C GLN B 46 -9.18 20.72 -2.57
N THR B 47 -7.93 21.17 -2.40
CA THR B 47 -6.93 20.40 -1.68
C THR B 47 -7.36 20.21 -0.23
N GLN B 48 -7.72 21.31 0.43
CA GLN B 48 -8.18 21.24 1.82
C GLN B 48 -9.42 20.37 1.97
N ARG B 49 -10.32 20.46 0.99
CA ARG B 49 -11.54 19.65 0.99
C ARG B 49 -11.21 18.16 0.90
N SER B 50 -10.27 17.81 0.01
CA SER B 50 -9.76 16.45 -0.08
C SER B 50 -9.04 16.01 1.19
N LEU B 51 -8.23 16.91 1.75
CA LEU B 51 -7.48 16.63 2.97
C LEU B 51 -8.42 16.29 4.14
N ASN B 52 -9.54 17.00 4.25
CA ASN B 52 -10.56 16.71 5.27
C ASN B 52 -11.36 15.42 5.02
N ASN B 53 -11.63 15.09 3.76
CA ASN B 53 -12.61 14.03 3.43
C ASN B 53 -12.04 12.63 3.23
N PHE B 54 -10.71 12.52 3.13
CA PHE B 54 -10.04 11.24 2.87
C PHE B 54 -8.93 11.05 3.90
N LYS B 55 -9.35 10.68 5.11
CA LYS B 55 -8.43 10.46 6.20
C LYS B 55 -8.13 8.97 6.26
N ILE B 56 -7.41 8.54 5.23
CA ILE B 56 -7.13 7.13 4.99
C ILE B 56 -5.62 6.94 5.01
N SER B 57 -5.15 6.41 6.14
CA SER B 57 -3.73 6.19 6.44
C SER B 57 -2.85 7.43 6.20
N LYS B 58 -1.54 7.25 6.05
CA LYS B 58 -0.63 8.40 5.87
C LYS B 58 0.30 8.34 4.63
N GLN B 59 -0.02 7.48 3.67
CA GLN B 59 0.75 7.39 2.43
C GLN B 59 0.38 8.54 1.48
N LYS B 60 1.24 9.56 1.41
CA LYS B 60 1.06 10.65 0.46
C LYS B 60 1.56 10.23 -0.92
N MET B 61 1.24 11.03 -1.94
CA MET B 61 1.73 10.77 -3.29
C MET B 61 3.25 10.81 -3.31
N PRO B 62 3.89 9.86 -4.01
CA PRO B 62 5.35 9.84 -4.10
C PRO B 62 5.96 11.15 -4.62
N LYS B 63 7.10 11.54 -4.06
CA LYS B 63 7.80 12.77 -4.43
C LYS B 63 8.01 12.88 -5.92
N ILE B 64 8.41 11.79 -6.55
CA ILE B 64 8.72 11.82 -7.96
C ILE B 64 7.46 11.95 -8.84
N LEU B 65 6.30 11.57 -8.30
CA LEU B 65 5.07 11.77 -9.03
C LEU B 65 4.72 13.26 -9.00
N ILE B 66 4.85 13.87 -7.82
CA ILE B 66 4.61 15.30 -7.68
C ILE B 66 5.53 16.05 -8.61
N ARG B 67 6.79 15.63 -8.62
CA ARG B 67 7.78 16.24 -9.49
C ARG B 67 7.34 16.15 -10.96
N ALA B 68 6.90 14.97 -11.37
CA ALA B 68 6.46 14.74 -12.75
C ALA B 68 5.24 15.61 -13.08
N LEU B 69 4.31 15.72 -12.13
CA LEU B 69 3.12 16.55 -12.29
C LEU B 69 3.50 18.03 -12.45
N ALA B 70 4.52 18.46 -11.71
CA ALA B 70 5.02 19.83 -11.81
C ALA B 70 5.64 20.09 -13.18
N ILE B 71 6.40 19.12 -13.68
CA ILE B 71 6.99 19.21 -15.03
C ILE B 71 5.89 19.32 -16.08
N LEU B 72 4.82 18.57 -15.86
CA LEU B 72 3.67 18.58 -16.76
C LEU B 72 3.08 19.98 -16.85
N LYS B 73 2.78 20.59 -15.72
CA LYS B 73 2.22 21.94 -15.69
C LYS B 73 3.17 22.97 -16.31
N LYS B 74 4.47 22.74 -16.20
CA LYS B 74 5.46 23.66 -16.73
C LYS B 74 5.38 23.67 -18.25
N CYS B 75 5.38 22.48 -18.83
CA CYS B 75 5.36 22.30 -20.26
C CYS B 75 4.01 22.72 -20.89
N ALA B 76 2.91 22.38 -20.22
CA ALA B 76 1.57 22.83 -20.65
C ALA B 76 1.48 24.36 -20.72
N ALA B 77 2.02 25.04 -19.71
CA ALA B 77 2.02 26.50 -19.65
C ALA B 77 2.79 27.10 -20.81
N GLN B 78 3.94 26.51 -21.12
CA GLN B 78 4.78 27.01 -22.22
C GLN B 78 4.04 26.89 -23.55
N VAL B 79 3.41 25.75 -23.81
CA VAL B 79 2.61 25.55 -25.03
C VAL B 79 1.43 26.52 -25.06
N ASN B 80 0.68 26.58 -23.96
CA ASN B 80 -0.40 27.56 -23.83
C ASN B 80 0.06 28.99 -24.12
N TYR B 81 1.20 29.37 -23.54
CA TYR B 81 1.76 30.68 -23.81
C TYR B 81 2.05 30.87 -25.31
N GLU B 82 2.68 29.86 -25.92
CA GLU B 82 3.06 29.95 -27.33
C GLU B 82 1.86 30.00 -28.28
N PHE B 83 0.74 29.40 -27.84
CA PHE B 83 -0.52 29.44 -28.60
C PHE B 83 -1.28 30.77 -28.45
N GLY B 84 -0.74 31.71 -27.68
CA GLY B 84 -1.37 33.00 -27.44
C GLY B 84 -2.42 33.00 -26.33
N ASP B 85 -2.52 31.91 -25.57
CA ASP B 85 -3.63 31.70 -24.64
C ASP B 85 -3.36 32.10 -23.17
N LEU B 86 -2.17 32.60 -22.87
CA LEU B 86 -1.84 33.13 -21.53
C LEU B 86 -1.13 34.47 -21.63
N GLU B 87 -1.42 35.37 -20.70
CA GLU B 87 -0.69 36.63 -20.57
C GLU B 87 0.75 36.35 -20.18
N TYR B 88 1.66 37.19 -20.65
CA TYR B 88 3.08 36.99 -20.43
C TYR B 88 3.43 36.88 -18.94
N LYS B 89 2.92 37.80 -18.14
CA LYS B 89 3.24 37.86 -16.70
C LYS B 89 2.73 36.65 -15.93
N ILE B 90 1.58 36.13 -16.36
CA ILE B 90 1.02 34.91 -15.79
C ILE B 90 1.85 33.70 -16.18
N ALA B 91 2.23 33.60 -17.46
CA ALA B 91 3.06 32.47 -17.92
C ALA B 91 4.42 32.46 -17.20
N THR B 92 5.04 33.64 -17.10
CA THR B 92 6.32 33.76 -16.42
C THR B 92 6.19 33.46 -14.92
N SER B 93 5.17 34.01 -14.27
CA SER B 93 4.94 33.74 -12.84
C SER B 93 4.66 32.25 -12.56
N ILE B 94 3.87 31.60 -13.40
CA ILE B 94 3.64 30.16 -13.28
C ILE B 94 4.97 29.40 -13.40
N ASP B 95 5.82 29.81 -14.36
CA ASP B 95 7.09 29.12 -14.62
C ASP B 95 8.03 29.29 -13.43
N LYS B 96 8.18 30.52 -12.93
CA LYS B 96 9.02 30.77 -11.75
C LYS B 96 8.51 29.95 -10.57
N ALA B 97 7.20 29.97 -10.36
CA ALA B 97 6.58 29.24 -9.28
C ALA B 97 6.92 27.74 -9.35
N ILE B 98 6.87 27.15 -10.55
CA ILE B 98 7.12 25.72 -10.72
C ILE B 98 8.60 25.39 -10.54
N ASP B 99 9.49 26.21 -11.08
CA ASP B 99 10.95 26.05 -10.85
C ASP B 99 11.26 25.91 -9.35
N ARG B 100 10.55 26.66 -8.51
CA ARG B 100 10.75 26.61 -7.05
C ARG B 100 10.24 25.31 -6.44
N ILE B 101 9.17 24.74 -7.00
CA ILE B 101 8.67 23.44 -6.55
C ILE B 101 9.68 22.35 -6.92
N LEU B 102 10.22 22.42 -8.12
CA LEU B 102 11.23 21.47 -8.58
C LEU B 102 12.52 21.54 -7.76
N ALA B 103 12.83 22.71 -7.18
CA ALA B 103 14.00 22.86 -6.31
C ALA B 103 13.77 22.37 -4.87
N GLY B 104 12.54 21.95 -4.54
CA GLY B 104 12.25 21.33 -3.26
C GLY B 104 11.73 22.28 -2.18
N GLU B 105 11.24 23.44 -2.59
CA GLU B 105 10.92 24.52 -1.68
C GLU B 105 9.53 24.39 -1.03
N PHE B 106 8.67 23.57 -1.61
CA PHE B 106 7.30 23.40 -1.13
C PHE B 106 6.95 21.92 -0.91
N GLU B 107 7.88 21.17 -0.32
CA GLU B 107 7.65 19.77 -0.03
C GLU B 107 6.60 19.58 1.07
N ASP B 108 6.40 20.62 1.89
CA ASP B 108 5.32 20.67 2.89
C ASP B 108 3.91 20.82 2.32
N ASN B 109 3.76 21.06 1.02
CA ASN B 109 2.48 21.57 0.47
C ASN B 109 1.69 20.60 -0.44
N PHE B 110 2.02 19.32 -0.38
CA PHE B 110 1.28 18.30 -1.13
C PHE B 110 0.86 17.18 -0.20
N PRO B 111 -0.13 17.45 0.67
CA PRO B 111 -0.51 16.55 1.77
C PRO B 111 -1.52 15.46 1.45
N LEU B 112 -2.01 15.38 0.22
CA LEU B 112 -3.12 14.46 -0.06
C LEU B 112 -2.64 13.01 -0.12
N VAL B 113 -3.49 12.10 0.33
CA VAL B 113 -3.15 10.69 0.33
C VAL B 113 -3.40 10.05 -1.03
N VAL B 114 -2.75 8.92 -1.24
CA VAL B 114 -2.96 8.09 -2.42
C VAL B 114 -4.43 7.66 -2.56
N TRP B 115 -5.07 7.39 -1.42
CA TRP B 115 -6.41 6.78 -1.41
C TRP B 115 -7.50 7.87 -1.53
N GLN B 116 -7.53 8.49 -2.71
CA GLN B 116 -8.40 9.62 -3.02
C GLN B 116 -9.30 9.23 -4.18
N THR B 117 -9.91 10.20 -4.85
CA THR B 117 -10.59 9.94 -6.13
C THR B 117 -9.69 9.15 -7.07
N GLY B 118 -10.30 8.24 -7.83
CA GLY B 118 -9.57 7.29 -8.66
C GLY B 118 -8.95 7.85 -9.92
N SER B 119 -9.31 9.08 -10.25
CA SER B 119 -8.77 9.81 -11.40
C SER B 119 -7.63 10.75 -11.01
N GLY B 120 -7.42 10.93 -9.71
CA GLY B 120 -6.38 11.83 -9.22
C GLY B 120 -6.74 13.30 -9.30
N THR B 121 -8.00 13.61 -9.58
CA THR B 121 -8.45 15.00 -9.67
C THR B 121 -7.91 15.88 -8.55
N GLN B 122 -7.94 15.36 -7.33
CA GLN B 122 -7.63 16.15 -6.15
C GLN B 122 -6.15 16.51 -6.10
N THR B 123 -5.29 15.53 -6.33
CA THR B 123 -3.86 15.81 -6.51
C THR B 123 -3.60 16.73 -7.71
N ASN B 124 -4.38 16.61 -8.79
CA ASN B 124 -4.26 17.57 -9.88
C ASN B 124 -4.54 19.00 -9.41
N MET B 125 -5.61 19.16 -8.65
CA MET B 125 -5.98 20.47 -8.14
C MET B 125 -4.97 20.96 -7.09
N ASN B 126 -4.34 20.01 -6.40
CA ASN B 126 -3.29 20.30 -5.42
C ASN B 126 -2.16 21.05 -6.12
N MET B 127 -1.73 20.54 -7.27
CA MET B 127 -0.70 21.21 -8.04
C MET B 127 -1.20 22.52 -8.64
N ASN B 128 -2.42 22.52 -9.20
CA ASN B 128 -3.00 23.74 -9.80
C ASN B 128 -3.02 24.89 -8.81
N GLU B 129 -3.53 24.60 -7.62
CA GLU B 129 -3.77 25.61 -6.60
C GLU B 129 -2.48 26.18 -6.00
N VAL B 130 -1.51 25.31 -5.73
CA VAL B 130 -0.24 25.72 -5.12
C VAL B 130 0.56 26.61 -6.06
N ILE B 131 0.62 26.24 -7.34
CA ILE B 131 1.27 27.07 -8.36
C ILE B 131 0.58 28.43 -8.43
N ALA B 132 -0.75 28.44 -8.57
CA ALA B 132 -1.52 29.71 -8.62
C ALA B 132 -1.21 30.57 -7.41
N SER B 133 -1.19 29.93 -6.24
CA SER B 133 -0.98 30.61 -4.97
C SER B 133 0.40 31.28 -4.88
N ILE B 134 1.46 30.53 -5.15
CA ILE B 134 2.83 31.07 -5.20
C ILE B 134 2.94 32.24 -6.19
N ALA B 135 2.35 32.07 -7.37
CA ALA B 135 2.35 33.10 -8.41
C ALA B 135 1.62 34.35 -7.94
N ASN B 136 0.48 34.16 -7.27
CA ASN B 136 -0.31 35.28 -6.76
C ASN B 136 0.42 36.05 -5.64
N GLU B 137 1.16 35.34 -4.81
CA GLU B 137 2.04 35.97 -3.83
C GLU B 137 3.12 36.83 -4.49
N GLU B 138 3.70 36.33 -5.59
CA GLU B 138 4.70 37.09 -6.33
C GLU B 138 4.09 38.37 -6.93
N LEU B 139 2.90 38.23 -7.52
CA LEU B 139 2.28 39.33 -8.27
C LEU B 139 1.50 40.34 -7.43
N THR B 140 0.90 39.89 -6.33
CA THR B 140 0.09 40.78 -5.47
C THR B 140 0.68 41.01 -4.07
N GLY B 141 1.67 40.22 -3.67
CA GLY B 141 2.24 40.28 -2.33
C GLY B 141 1.59 39.34 -1.31
N LYS B 142 0.43 38.76 -1.64
CA LYS B 142 -0.27 37.80 -0.77
C LYS B 142 -0.62 36.49 -1.48
N LYS B 143 -0.40 35.36 -0.78
CA LYS B 143 -0.62 34.04 -1.36
C LYS B 143 -2.10 33.68 -1.41
N GLY B 144 -2.38 32.56 -2.08
CA GLY B 144 -3.72 32.01 -2.17
C GLY B 144 -4.56 32.63 -3.27
N GLY B 145 -5.80 32.17 -3.37
CA GLY B 145 -6.80 32.80 -4.22
C GLY B 145 -6.64 32.47 -5.69
N LYS B 146 -7.41 33.18 -6.51
CA LYS B 146 -7.50 32.92 -7.94
C LYS B 146 -7.20 34.17 -8.76
N PHE B 147 -6.60 35.17 -8.12
CA PHE B 147 -6.31 36.43 -8.80
C PHE B 147 -4.86 36.91 -8.58
N PRO B 148 -4.17 37.26 -9.68
CA PRO B 148 -4.59 37.18 -11.08
C PRO B 148 -4.45 35.79 -11.70
N VAL B 149 -3.80 34.85 -11.01
CA VAL B 149 -3.56 33.51 -11.54
C VAL B 149 -4.60 32.55 -11.01
N HIS B 150 -5.42 32.02 -11.91
CA HIS B 150 -6.50 31.13 -11.57
C HIS B 150 -6.02 29.68 -11.70
N PRO B 151 -6.24 28.84 -10.67
CA PRO B 151 -5.83 27.43 -10.72
C PRO B 151 -6.38 26.67 -11.91
N ASN B 152 -7.67 26.83 -12.18
CA ASN B 152 -8.31 26.13 -13.29
C ASN B 152 -8.12 26.82 -14.64
N ASP B 153 -8.43 28.10 -14.70
CA ASP B 153 -8.48 28.80 -15.98
C ASP B 153 -7.09 29.12 -16.54
N HIS B 154 -6.06 29.15 -15.68
CA HIS B 154 -4.69 29.36 -16.16
C HIS B 154 -3.77 28.14 -15.98
N VAL B 155 -3.58 27.70 -14.74
CA VAL B 155 -2.62 26.63 -14.46
C VAL B 155 -3.11 25.29 -15.07
N ASN B 156 -4.42 25.06 -15.05
CA ASN B 156 -5.04 23.85 -15.63
C ASN B 156 -5.62 24.04 -17.04
N LYS B 157 -5.26 25.14 -17.71
CA LYS B 157 -5.84 25.49 -19.01
C LYS B 157 -5.61 24.39 -20.05
N GLY B 158 -6.70 23.95 -20.68
CA GLY B 158 -6.65 22.90 -21.70
C GLY B 158 -6.35 21.50 -21.20
N GLN B 159 -6.53 21.28 -19.90
CA GLN B 159 -6.20 20.02 -19.26
C GLN B 159 -7.37 19.44 -18.47
N SER B 160 -7.42 18.11 -18.42
CA SER B 160 -8.29 17.41 -17.49
C SER B 160 -7.35 16.63 -16.58
N SER B 161 -7.87 16.22 -15.43
CA SER B 161 -7.14 15.29 -14.61
C SER B 161 -7.05 13.94 -15.33
N ASN B 162 -8.05 13.65 -16.16
CA ASN B 162 -8.13 12.38 -16.88
C ASN B 162 -7.00 12.14 -17.88
N ASP B 163 -6.46 13.20 -18.47
CA ASP B 163 -5.28 13.07 -19.32
C ASP B 163 -3.99 13.53 -18.62
N SER B 164 -4.11 14.41 -17.63
CA SER B 164 -2.93 14.91 -16.93
C SER B 164 -2.37 13.89 -15.95
N PHE B 165 -3.23 13.18 -15.23
CA PHE B 165 -2.72 12.25 -14.25
C PHE B 165 -2.03 11.05 -14.92
N PRO B 166 -2.60 10.48 -15.99
CA PRO B 166 -1.84 9.45 -16.71
C PRO B 166 -0.53 9.93 -17.30
N THR B 167 -0.48 11.18 -17.75
CA THR B 167 0.75 11.74 -18.28
C THR B 167 1.79 11.79 -17.16
N ALA B 168 1.38 12.24 -15.98
CA ALA B 168 2.31 12.30 -14.84
C ALA B 168 2.74 10.90 -14.38
N MET B 169 1.85 9.92 -14.53
CA MET B 169 2.17 8.54 -14.15
C MET B 169 3.28 8.02 -15.02
N HIS B 170 3.19 8.28 -16.31
CA HIS B 170 4.19 7.84 -17.28
C HIS B 170 5.51 8.62 -17.18
N ILE B 171 5.45 9.94 -16.97
CA ILE B 171 6.69 10.71 -16.80
C ILE B 171 7.46 10.17 -15.59
N ALA B 172 6.76 10.01 -14.47
CA ALA B 172 7.33 9.53 -13.22
C ALA B 172 7.99 8.16 -13.33
N THR B 173 7.28 7.23 -13.99
CA THR B 173 7.75 5.87 -14.19
C THR B 173 9.06 5.91 -14.96
N VAL B 174 9.07 6.67 -16.05
CA VAL B 174 10.27 6.81 -16.87
C VAL B 174 11.42 7.42 -16.06
N LEU B 175 11.16 8.52 -15.36
CA LEU B 175 12.20 9.20 -14.58
C LEU B 175 12.80 8.27 -13.52
N ALA B 176 11.94 7.54 -12.81
CA ALA B 176 12.37 6.66 -11.74
C ALA B 176 13.17 5.48 -12.30
N THR B 177 12.74 4.94 -13.43
CA THR B 177 13.41 3.80 -14.04
C THR B 177 14.80 4.20 -14.51
N LYS B 178 14.91 5.36 -15.14
CA LYS B 178 16.18 5.84 -15.67
C LYS B 178 17.14 6.31 -14.56
N GLN B 179 16.59 6.81 -13.45
CA GLN B 179 17.42 7.39 -12.35
C GLN B 179 17.67 6.43 -11.19
N GLN B 180 16.75 5.49 -10.95
CA GLN B 180 16.89 4.55 -9.84
C GLN B 180 17.25 3.14 -10.31
N LEU B 181 16.42 2.55 -11.17
CA LEU B 181 16.47 1.11 -11.44
C LEU B 181 17.56 0.69 -12.42
N ILE B 182 17.66 1.38 -13.55
CA ILE B 182 18.67 1.04 -14.54
C ILE B 182 20.10 1.19 -13.98
N PRO B 183 20.40 2.30 -13.27
CA PRO B 183 21.72 2.35 -12.64
C PRO B 183 21.94 1.24 -11.59
N ALA B 184 20.91 0.92 -10.81
CA ALA B 184 21.03 -0.09 -9.78
C ALA B 184 21.37 -1.46 -10.38
N LEU B 185 20.65 -1.86 -11.42
CA LEU B 185 20.95 -3.09 -12.14
C LEU B 185 22.35 -3.06 -12.77
N ASN B 186 22.74 -1.94 -13.37
CA ASN B 186 24.11 -1.82 -13.92
C ASN B 186 25.20 -1.91 -12.84
N ASN B 187 24.90 -1.37 -11.65
CA ASN B 187 25.81 -1.50 -10.52
C ASN B 187 25.98 -2.98 -10.13
N LEU B 188 24.87 -3.72 -10.15
CA LEU B 188 24.91 -5.16 -9.85
C LEU B 188 25.64 -5.92 -10.93
N LEU B 189 25.33 -5.62 -12.18
CA LEU B 189 25.99 -6.25 -13.33
C LEU B 189 27.50 -6.07 -13.25
N THR B 190 27.93 -4.83 -13.07
CA THR B 190 29.36 -4.51 -13.01
C THR B 190 30.09 -5.32 -11.94
N TYR B 191 29.54 -5.36 -10.72
CA TYR B 191 30.20 -6.05 -9.61
C TYR B 191 30.12 -7.57 -9.72
N LEU B 192 29.03 -8.10 -10.27
CA LEU B 192 28.96 -9.53 -10.60
C LEU B 192 30.05 -9.88 -11.62
N GLN B 193 30.25 -9.02 -12.61
CA GLN B 193 31.34 -9.20 -13.60
C GLN B 193 32.72 -9.13 -12.96
N ASP B 194 33.00 -8.02 -12.27
CA ASP B 194 34.34 -7.79 -11.70
C ASP B 194 34.75 -8.86 -10.69
N LYS B 195 33.83 -9.23 -9.80
CA LYS B 195 34.13 -10.22 -8.76
C LYS B 195 34.48 -11.61 -9.29
N SER B 196 33.80 -12.01 -10.37
CA SER B 196 33.90 -13.37 -10.89
C SER B 196 34.88 -13.53 -12.08
N LYS B 197 35.41 -12.42 -12.58
CA LYS B 197 36.36 -12.43 -13.71
C LYS B 197 37.39 -13.55 -13.61
N ASP B 198 38.02 -13.67 -12.43
CA ASP B 198 39.06 -14.66 -12.20
C ASP B 198 38.63 -15.85 -11.33
N TRP B 199 37.33 -16.18 -11.36
CA TRP B 199 36.84 -17.41 -10.69
C TRP B 199 36.74 -18.61 -11.64
N ASP B 200 37.36 -18.48 -12.81
CA ASP B 200 37.39 -19.56 -13.79
C ASP B 200 38.32 -20.72 -13.40
N LYS B 201 39.26 -20.48 -12.48
CA LYS B 201 40.14 -21.55 -12.00
C LYS B 201 39.51 -22.36 -10.86
N ILE B 202 38.43 -21.86 -10.27
CA ILE B 202 37.78 -22.52 -9.13
C ILE B 202 36.72 -23.51 -9.63
N ILE B 203 37.00 -24.80 -9.50
CA ILE B 203 36.13 -25.85 -10.01
C ILE B 203 35.25 -26.34 -8.87
N LYS B 204 33.95 -26.03 -8.94
CA LYS B 204 33.02 -26.43 -7.89
C LYS B 204 32.08 -27.52 -8.38
N ILE B 205 31.39 -28.15 -7.43
CA ILE B 205 30.47 -29.23 -7.74
C ILE B 205 29.08 -28.65 -7.97
N GLY B 206 28.47 -29.03 -9.08
CA GLY B 206 27.13 -28.56 -9.42
C GLY B 206 26.06 -29.31 -8.63
N ARG B 207 24.93 -28.66 -8.42
CA ARG B 207 23.80 -29.28 -7.73
C ARG B 207 22.52 -29.12 -8.52
N THR B 208 21.93 -30.24 -8.90
CA THR B 208 20.60 -30.25 -9.49
C THR B 208 19.68 -31.02 -8.54
N HIS B 209 18.49 -30.48 -8.28
CA HIS B 209 17.59 -31.02 -7.24
C HIS B 209 18.21 -30.94 -5.81
N LEU B 210 19.24 -30.09 -5.67
CA LEU B 210 20.10 -30.05 -4.48
C LEU B 210 20.88 -31.37 -4.24
N GLN B 211 20.97 -32.21 -5.28
CA GLN B 211 21.77 -33.42 -5.22
C GLN B 211 23.07 -33.21 -5.99
N ASP B 212 24.11 -33.96 -5.62
CA ASP B 212 25.43 -33.79 -6.21
C ASP B 212 25.34 -34.07 -7.71
N ALA B 213 25.99 -33.21 -8.50
CA ALA B 213 25.91 -33.27 -9.95
C ALA B 213 27.31 -33.25 -10.53
N THR B 214 27.45 -32.83 -11.79
CA THR B 214 28.76 -32.76 -12.41
C THR B 214 29.36 -31.36 -12.19
N PRO B 215 30.68 -31.23 -12.42
CA PRO B 215 31.36 -29.96 -12.11
C PRO B 215 31.13 -28.81 -13.08
N LEU B 216 31.22 -27.58 -12.54
CA LEU B 216 31.30 -26.34 -13.30
C LEU B 216 32.16 -25.34 -12.51
N THR B 217 32.71 -24.33 -13.18
CA THR B 217 33.48 -23.31 -12.47
C THR B 217 32.55 -22.34 -11.73
N LEU B 218 33.08 -21.66 -10.72
CA LEU B 218 32.30 -20.67 -9.96
C LEU B 218 31.96 -19.48 -10.85
N LYS B 219 32.87 -19.10 -11.74
CA LYS B 219 32.59 -18.08 -12.74
C LYS B 219 31.40 -18.47 -13.60
N GLN B 220 31.38 -19.72 -14.05
CA GLN B 220 30.28 -20.22 -14.89
C GLN B 220 28.93 -20.06 -14.19
N GLU B 221 28.89 -20.43 -12.90
CA GLU B 221 27.67 -20.33 -12.11
C GLU B 221 27.22 -18.87 -12.00
N PHE B 222 28.19 -18.00 -11.79
CA PHE B 222 27.91 -16.58 -11.70
C PHE B 222 27.56 -15.97 -13.06
N SER B 223 27.95 -16.63 -14.15
CA SER B 223 27.60 -16.13 -15.50
C SER B 223 26.09 -16.26 -15.76
N GLY B 224 25.45 -17.23 -15.12
CA GLY B 224 24.00 -17.35 -15.15
C GLY B 224 23.35 -16.11 -14.58
N TYR B 225 23.84 -15.69 -13.41
CA TYR B 225 23.31 -14.51 -12.74
C TYR B 225 23.55 -13.27 -13.59
N ILE B 226 24.75 -13.17 -14.18
CA ILE B 226 25.05 -12.06 -15.08
C ILE B 226 24.08 -12.01 -16.26
N THR B 227 23.83 -13.15 -16.90
CA THR B 227 22.84 -13.21 -17.96
C THR B 227 21.44 -12.74 -17.51
N GLN B 228 21.01 -13.16 -16.32
CA GLN B 228 19.69 -12.77 -15.79
C GLN B 228 19.55 -11.25 -15.68
N ILE B 229 20.60 -10.59 -15.20
CA ILE B 229 20.59 -9.15 -15.02
C ILE B 229 20.70 -8.42 -16.38
N GLU B 230 21.54 -8.92 -17.27
CA GLU B 230 21.61 -8.39 -18.64
C GLU B 230 20.22 -8.41 -19.27
N TYR B 231 19.58 -9.56 -19.21
CA TYR B 231 18.24 -9.74 -19.77
C TYR B 231 17.20 -8.84 -19.08
N ALA B 232 17.35 -8.63 -17.78
CA ALA B 232 16.48 -7.69 -17.06
C ALA B 232 16.57 -6.29 -17.69
N LEU B 233 17.79 -5.86 -18.02
CA LEU B 233 18.00 -4.53 -18.64
C LEU B 233 17.32 -4.44 -20.00
N GLU B 234 17.36 -5.54 -20.77
CA GLU B 234 16.72 -5.59 -22.08
C GLU B 234 15.17 -5.53 -21.98
N ARG B 235 14.63 -6.22 -20.97
CA ARG B 235 13.18 -6.22 -20.72
C ARG B 235 12.66 -4.85 -20.34
N ILE B 236 13.44 -4.12 -19.54
CA ILE B 236 13.10 -2.74 -19.19
C ILE B 236 12.96 -1.87 -20.43
N GLU B 237 13.91 -1.95 -21.36
CA GLU B 237 13.86 -1.12 -22.57
C GLU B 237 12.59 -1.40 -23.38
N ASP B 238 12.28 -2.68 -23.60
CA ASP B 238 11.03 -3.06 -24.29
C ASP B 238 9.76 -2.58 -23.56
N ALA B 239 9.74 -2.69 -22.24
CA ALA B 239 8.58 -2.30 -21.45
C ALA B 239 8.35 -0.77 -21.42
N LEU B 240 9.43 -0.01 -21.57
CA LEU B 240 9.32 1.46 -21.54
C LEU B 240 8.73 2.04 -22.84
N LYS B 241 8.74 1.26 -23.94
CA LYS B 241 8.31 1.80 -25.25
C LYS B 241 6.94 2.49 -25.20
N LYS B 242 5.95 1.85 -24.56
CA LYS B 242 4.62 2.45 -24.43
C LYS B 242 4.55 3.45 -23.29
N VAL B 243 5.48 3.39 -22.34
CA VAL B 243 5.45 4.35 -21.23
C VAL B 243 5.98 5.72 -21.66
N TYR B 244 6.72 5.78 -22.77
CA TYR B 244 7.10 7.08 -23.36
C TYR B 244 5.91 7.84 -23.97
N LEU B 245 4.83 7.12 -24.26
CA LEU B 245 3.68 7.69 -24.95
C LEU B 245 2.74 8.35 -23.94
N LEU B 246 2.43 9.65 -24.15
CA LEU B 246 1.73 10.47 -23.15
C LEU B 246 0.28 10.78 -23.55
N ALA B 247 -0.61 10.72 -22.57
CA ALA B 247 -2.04 10.98 -22.77
C ALA B 247 -2.41 12.46 -22.97
N GLN B 248 -1.50 13.38 -22.67
CA GLN B 248 -1.87 14.80 -22.60
C GLN B 248 -2.47 15.24 -23.93
N GLY B 249 -3.65 15.86 -23.87
CA GLY B 249 -4.36 16.29 -25.08
C GLY B 249 -5.67 15.54 -25.33
N GLY B 250 -5.90 14.44 -24.61
CA GLY B 250 -7.16 13.72 -24.71
C GLY B 250 -8.29 14.39 -23.94
N THR B 251 -7.91 15.25 -22.99
CA THR B 251 -8.84 15.87 -22.03
C THR B 251 -9.82 14.89 -21.33
N ALA B 252 -11.12 15.22 -21.32
CA ALA B 252 -12.06 14.59 -20.39
C ALA B 252 -12.39 13.16 -20.75
N VAL B 253 -12.69 12.90 -22.02
CA VAL B 253 -13.08 11.55 -22.43
C VAL B 253 -12.24 10.96 -23.57
N GLY B 254 -11.21 11.66 -24.00
CA GLY B 254 -10.31 11.17 -25.03
C GLY B 254 -10.39 11.94 -26.34
N THR B 255 -11.42 12.77 -26.50
CA THR B 255 -11.67 13.44 -27.78
C THR B 255 -10.81 14.67 -28.04
N GLY B 256 -10.28 15.28 -26.98
CA GLY B 256 -9.49 16.51 -27.09
C GLY B 256 -10.30 17.80 -26.98
N ILE B 257 -11.55 17.69 -26.51
CA ILE B 257 -12.39 18.86 -26.35
C ILE B 257 -11.72 19.86 -25.39
N ASN B 258 -11.69 21.13 -25.79
CA ASN B 258 -10.99 22.21 -25.07
C ASN B 258 -9.46 22.18 -25.16
N SER B 259 -8.92 21.37 -26.07
CA SER B 259 -7.49 21.38 -26.35
C SER B 259 -7.30 21.78 -27.79
N LYS B 260 -6.47 22.78 -28.04
CA LYS B 260 -6.21 23.20 -29.42
C LYS B 260 -5.45 22.14 -30.20
N ILE B 261 -5.71 22.08 -31.50
CA ILE B 261 -5.01 21.17 -32.40
C ILE B 261 -3.52 21.47 -32.30
N GLY B 262 -2.71 20.41 -32.22
CA GLY B 262 -1.26 20.54 -32.12
C GLY B 262 -0.72 20.52 -30.70
N PHE B 263 -1.59 20.72 -29.71
CA PHE B 263 -1.18 20.79 -28.31
C PHE B 263 -0.51 19.48 -27.85
N ASP B 264 -1.15 18.36 -28.16
CA ASP B 264 -0.62 17.04 -27.77
C ASP B 264 0.82 16.85 -28.22
N ILE B 265 1.09 17.17 -29.48
CA ILE B 265 2.41 17.00 -30.08
C ILE B 265 3.43 17.98 -29.48
N LYS B 266 3.06 19.26 -29.40
CA LYS B 266 3.97 20.28 -28.90
C LYS B 266 4.27 20.12 -27.41
N PHE B 267 3.25 19.76 -26.62
CA PHE B 267 3.44 19.45 -25.21
C PHE B 267 4.48 18.35 -25.02
N ALA B 268 4.33 17.27 -25.79
CA ALA B 268 5.18 16.08 -25.68
C ALA B 268 6.63 16.39 -26.03
N GLN B 269 6.82 17.23 -27.06
CA GLN B 269 8.14 17.68 -27.45
C GLN B 269 8.76 18.49 -26.31
N LYS B 270 7.96 19.37 -25.72
CA LYS B 270 8.39 20.19 -24.57
C LYS B 270 8.88 19.32 -23.40
N VAL B 271 8.15 18.25 -23.10
CA VAL B 271 8.54 17.34 -22.00
C VAL B 271 9.80 16.57 -22.38
N ALA B 272 9.90 16.19 -23.66
CA ALA B 272 11.07 15.47 -24.15
C ALA B 272 12.33 16.32 -23.98
N GLU B 273 12.22 17.61 -24.31
CA GLU B 273 13.32 18.57 -24.19
C GLU B 273 13.75 18.85 -22.74
N PHE B 274 12.79 18.99 -21.82
CA PHE B 274 13.13 19.24 -20.42
C PHE B 274 13.75 18.00 -19.74
N THR B 275 13.20 16.82 -20.01
CA THR B 275 13.70 15.59 -19.38
C THR B 275 14.86 14.95 -20.11
N GLN B 276 15.08 15.35 -21.36
CA GLN B 276 16.02 14.67 -22.25
C GLN B 276 15.70 13.17 -22.35
N GLN B 277 14.41 12.87 -22.47
CA GLN B 277 13.97 11.51 -22.70
C GLN B 277 13.04 11.53 -23.90
N PRO B 278 12.96 10.43 -24.65
CA PRO B 278 12.20 10.40 -25.90
C PRO B 278 10.69 10.20 -25.71
N PHE B 279 10.04 11.16 -25.05
CA PHE B 279 8.59 11.17 -24.94
C PHE B 279 7.94 11.59 -26.25
N LYS B 280 6.74 11.05 -26.49
CA LYS B 280 5.90 11.39 -27.64
C LYS B 280 4.46 11.31 -27.19
N THR B 281 3.54 11.82 -28.00
CA THR B 281 2.13 11.74 -27.65
C THR B 281 1.59 10.35 -27.98
N ALA B 282 0.57 9.94 -27.23
CA ALA B 282 -0.12 8.68 -27.48
C ALA B 282 -0.98 8.82 -28.74
N PRO B 283 -0.77 7.93 -29.73
CA PRO B 283 -1.61 8.02 -30.93
C PRO B 283 -3.12 7.87 -30.69
N ASN B 284 -3.51 7.02 -29.74
CA ASN B 284 -4.92 6.84 -29.40
C ASN B 284 -5.17 7.17 -27.93
N LYS B 285 -5.81 8.31 -27.71
CA LYS B 285 -5.97 8.85 -26.37
C LYS B 285 -7.01 8.08 -25.55
N PHE B 286 -7.97 7.44 -26.23
CA PHE B 286 -9.01 6.66 -25.56
C PHE B 286 -8.38 5.51 -24.78
N GLU B 287 -7.48 4.78 -25.41
CA GLU B 287 -6.73 3.70 -24.81
C GLU B 287 -5.90 4.20 -23.63
N SER B 288 -5.37 5.43 -23.74
CA SER B 288 -4.58 6.03 -22.67
C SER B 288 -5.38 6.35 -21.41
N LEU B 289 -6.65 6.74 -21.56
CA LEU B 289 -7.51 7.08 -20.43
C LEU B 289 -8.23 5.85 -19.85
N ALA B 290 -8.81 5.05 -20.74
CA ALA B 290 -9.63 3.91 -20.35
C ALA B 290 -8.89 2.79 -19.64
N ALA B 291 -7.56 2.74 -19.81
CA ALA B 291 -6.77 1.64 -19.27
C ALA B 291 -5.35 2.07 -18.92
N HIS B 292 -4.63 1.19 -18.22
CA HIS B 292 -3.23 1.40 -17.92
C HIS B 292 -2.43 0.14 -18.21
N ASP B 293 -2.74 -0.46 -19.36
CA ASP B 293 -2.06 -1.64 -19.87
C ASP B 293 -0.54 -1.48 -19.99
N ALA B 294 -0.06 -0.28 -20.34
CA ALA B 294 1.40 -0.03 -20.40
C ALA B 294 2.05 -0.30 -19.04
N LEU B 295 1.41 0.18 -17.97
CA LEU B 295 1.91 -0.01 -16.61
C LEU B 295 1.69 -1.41 -16.06
N VAL B 296 0.63 -2.08 -16.52
CA VAL B 296 0.43 -3.48 -16.16
C VAL B 296 1.55 -4.33 -16.76
N GLU B 297 1.92 -4.02 -18.01
CA GLU B 297 2.99 -4.73 -18.69
C GLU B 297 4.31 -4.39 -18.03
N PHE B 298 4.50 -3.11 -17.72
CA PHE B 298 5.74 -2.70 -17.06
C PHE B 298 5.87 -3.41 -15.73
N SER B 299 4.82 -3.37 -14.91
CA SER B 299 4.81 -4.10 -13.65
C SER B 299 5.13 -5.57 -13.84
N GLY B 300 4.77 -6.11 -15.01
CA GLY B 300 5.14 -7.48 -15.36
C GLY B 300 6.63 -7.70 -15.45
N THR B 301 7.34 -6.69 -15.93
CA THR B 301 8.79 -6.77 -16.07
C THR B 301 9.46 -6.64 -14.72
N LEU B 302 8.94 -5.75 -13.88
CA LEU B 302 9.37 -5.62 -12.48
C LEU B 302 9.22 -6.95 -11.75
N ASN B 303 8.16 -7.69 -12.07
CA ASN B 303 7.87 -8.99 -11.45
C ASN B 303 8.90 -10.04 -11.88
N THR B 304 9.24 -10.05 -13.16
CA THR B 304 10.29 -10.93 -13.69
C THR B 304 11.63 -10.60 -13.04
N ILE B 305 11.89 -9.32 -12.83
CA ILE B 305 13.13 -8.91 -12.19
C ILE B 305 13.15 -9.41 -10.73
N ALA B 306 12.02 -9.29 -10.06
CA ALA B 306 11.88 -9.83 -8.71
C ALA B 306 12.21 -11.33 -8.68
N VAL B 307 11.72 -12.07 -9.68
CA VAL B 307 12.00 -13.51 -9.79
C VAL B 307 13.49 -13.79 -10.00
N SER B 308 14.12 -13.04 -10.89
CA SER B 308 15.55 -13.19 -11.13
C SER B 308 16.37 -12.97 -9.85
N LEU B 309 16.15 -11.82 -9.19
CA LEU B 309 16.87 -11.47 -7.97
C LEU B 309 16.62 -12.44 -6.81
N MET B 310 15.41 -12.99 -6.73
CA MET B 310 15.11 -13.95 -5.68
C MET B 310 16.00 -15.19 -5.82
N LYS B 311 16.20 -15.63 -7.06
CA LYS B 311 17.05 -16.78 -7.36
C LYS B 311 18.52 -16.48 -7.02
N ILE B 312 18.99 -15.33 -7.47
CA ILE B 312 20.38 -14.94 -7.24
C ILE B 312 20.64 -14.83 -5.74
N ALA B 313 19.76 -14.13 -5.03
CA ALA B 313 19.93 -13.93 -3.59
C ALA B 313 19.80 -15.24 -2.83
N ASN B 314 18.88 -16.10 -3.24
CA ASN B 314 18.71 -17.41 -2.57
C ASN B 314 19.92 -18.31 -2.70
N ASP B 315 20.53 -18.32 -3.88
CA ASP B 315 21.76 -19.10 -4.09
C ASP B 315 22.87 -18.64 -3.15
N ILE B 316 23.06 -17.32 -3.06
CA ILE B 316 24.08 -16.76 -2.18
C ILE B 316 23.82 -17.12 -0.71
N ARG B 317 22.57 -17.04 -0.30
CA ARG B 317 22.16 -17.51 1.03
C ARG B 317 22.60 -18.97 1.22
N LEU B 318 22.39 -19.79 0.19
CA LEU B 318 22.63 -21.22 0.28
C LEU B 318 24.13 -21.53 0.26
N LEU B 319 24.84 -20.94 -0.70
CA LEU B 319 26.29 -21.11 -0.85
C LEU B 319 27.08 -20.54 0.33
N GLY B 320 26.53 -19.54 1.01
CA GLY B 320 27.16 -18.98 2.21
C GLY B 320 26.72 -19.63 3.52
N SER B 321 25.85 -20.63 3.45
CA SER B 321 25.37 -21.32 4.66
C SER B 321 26.54 -21.97 5.41
N GLY B 322 26.43 -22.00 6.73
CA GLY B 322 27.47 -22.54 7.60
C GLY B 322 27.60 -21.78 8.91
N PRO B 323 28.83 -21.58 9.40
CA PRO B 323 30.11 -21.87 8.74
C PRO B 323 30.50 -23.36 8.69
N ARG B 324 29.91 -24.21 9.52
CA ARG B 324 30.34 -25.60 9.64
C ARG B 324 29.31 -26.67 9.21
N CYS B 325 28.02 -26.36 9.29
CA CYS B 325 26.97 -27.36 9.01
C CYS B 325 26.16 -27.05 7.75
N GLY B 326 26.70 -26.17 6.91
CA GLY B 326 26.06 -25.81 5.66
C GLY B 326 26.87 -26.27 4.47
N LEU B 327 26.80 -25.50 3.38
CA LEU B 327 27.58 -25.76 2.17
C LEU B 327 28.94 -25.09 2.33
N GLY B 328 28.93 -23.80 2.64
CA GLY B 328 30.15 -23.08 3.01
C GLY B 328 31.09 -22.75 1.87
N GLU B 329 30.59 -22.75 0.64
CA GLU B 329 31.41 -22.46 -0.53
C GLU B 329 31.80 -20.99 -0.64
N LEU B 330 30.95 -20.10 -0.12
CA LEU B 330 31.20 -18.65 -0.14
C LEU B 330 31.30 -18.05 1.25
N HIS B 331 32.13 -17.03 1.40
CA HIS B 331 32.18 -16.22 2.61
C HIS B 331 31.48 -14.89 2.34
N LEU B 332 30.46 -14.58 3.15
CA LEU B 332 29.72 -13.33 3.01
C LEU B 332 30.30 -12.29 3.96
N PRO B 333 30.33 -11.01 3.55
CA PRO B 333 30.79 -10.00 4.50
C PRO B 333 29.95 -9.95 5.78
N GLU B 334 30.63 -9.73 6.90
CA GLU B 334 30.02 -9.66 8.20
C GLU B 334 29.92 -8.19 8.56
N ASN B 335 28.70 -7.69 8.71
CA ASN B 335 28.47 -6.26 8.91
C ASN B 335 27.82 -5.92 10.25
N GLU B 336 27.23 -6.91 10.92
CA GLU B 336 26.62 -6.74 12.25
C GLU B 336 26.46 -8.08 12.98
N PRO B 337 26.39 -8.06 14.33
CA PRO B 337 26.30 -9.29 15.14
C PRO B 337 25.18 -10.26 14.74
N MET B 342 24.05 -16.82 21.07
CA MET B 342 24.73 -17.23 19.84
C MET B 342 25.70 -16.13 19.36
N PRO B 343 26.78 -15.86 20.15
CA PRO B 343 27.74 -14.81 19.80
C PRO B 343 28.78 -15.27 18.78
N GLY B 344 29.08 -14.41 17.80
CA GLY B 344 29.95 -14.77 16.67
C GLY B 344 29.17 -15.19 15.43
N LYS B 345 27.91 -15.57 15.62
CA LYS B 345 27.02 -15.92 14.51
C LYS B 345 26.71 -14.68 13.70
N VAL B 346 26.98 -14.73 12.39
CA VAL B 346 26.68 -13.62 11.48
C VAL B 346 25.81 -14.06 10.27
N ASN B 347 24.71 -13.35 10.07
CA ASN B 347 23.65 -13.76 9.14
C ASN B 347 23.69 -12.99 7.80
N PRO B 348 23.23 -13.63 6.71
CA PRO B 348 23.20 -12.94 5.42
C PRO B 348 22.07 -11.91 5.39
N THR B 349 22.27 -10.79 6.10
CA THR B 349 21.17 -9.85 6.33
C THR B 349 20.75 -9.11 5.07
N GLN B 350 21.69 -8.80 4.18
CA GLN B 350 21.36 -8.10 2.94
C GLN B 350 20.50 -8.96 1.99
N VAL B 351 20.77 -10.26 1.96
CA VAL B 351 19.97 -11.21 1.20
C VAL B 351 18.52 -11.27 1.71
N GLU B 352 18.36 -11.14 3.02
CA GLU B 352 17.04 -11.17 3.64
C GLU B 352 16.25 -9.92 3.26
N ALA B 353 16.89 -8.76 3.37
CA ALA B 353 16.27 -7.51 2.95
C ALA B 353 15.83 -7.61 1.50
N LEU B 354 16.71 -8.12 0.65
CA LEU B 354 16.43 -8.19 -0.80
C LEU B 354 15.31 -9.18 -1.15
N THR B 355 15.33 -10.35 -0.54
CA THR B 355 14.30 -11.35 -0.81
C THR B 355 12.93 -10.91 -0.27
N MET B 356 12.88 -10.17 0.82
CA MET B 356 11.61 -9.57 1.28
C MET B 356 11.07 -8.58 0.26
N VAL B 357 11.94 -7.70 -0.28
CA VAL B 357 11.53 -6.74 -1.31
C VAL B 357 10.97 -7.46 -2.53
N CYS B 358 11.57 -8.59 -2.87
CA CYS B 358 11.11 -9.36 -4.00
C CYS B 358 9.65 -9.82 -3.79
N THR B 359 9.34 -10.29 -2.59
CA THR B 359 7.97 -10.72 -2.31
C THR B 359 7.01 -9.53 -2.34
N GLN B 360 7.47 -8.38 -1.86
CA GLN B 360 6.69 -7.15 -1.96
C GLN B 360 6.36 -6.81 -3.42
N VAL B 361 7.36 -6.89 -4.30
CA VAL B 361 7.16 -6.51 -5.71
C VAL B 361 6.15 -7.44 -6.37
N MET B 362 6.20 -8.73 -6.03
CA MET B 362 5.29 -9.72 -6.60
C MET B 362 3.83 -9.47 -6.22
N GLY B 363 3.60 -9.04 -4.98
CA GLY B 363 2.25 -8.67 -4.51
C GLY B 363 1.81 -7.33 -5.06
N ASN B 364 2.72 -6.37 -5.13
CA ASN B 364 2.44 -5.09 -5.78
C ASN B 364 1.94 -5.32 -7.22
N HIS B 365 2.55 -6.29 -7.90
CA HIS B 365 2.18 -6.59 -9.28
C HIS B 365 0.73 -7.10 -9.40
N VAL B 366 0.27 -7.84 -8.40
CA VAL B 366 -1.10 -8.36 -8.40
C VAL B 366 -2.09 -7.23 -8.19
N THR B 367 -1.76 -6.30 -7.31
CA THR B 367 -2.57 -5.11 -7.13
C THR B 367 -2.69 -4.34 -8.44
N VAL B 368 -1.55 -4.10 -9.11
CA VAL B 368 -1.55 -3.36 -10.37
C VAL B 368 -2.41 -4.09 -11.43
N THR B 369 -2.25 -5.41 -11.51
CA THR B 369 -3.07 -6.24 -12.39
C THR B 369 -4.56 -6.08 -12.14
N ILE B 370 -4.97 -6.30 -10.90
CA ILE B 370 -6.39 -6.26 -10.53
C ILE B 370 -6.97 -4.87 -10.77
N ALA B 371 -6.23 -3.84 -10.39
CA ALA B 371 -6.68 -2.45 -10.59
C ALA B 371 -6.79 -2.10 -12.08
N GLY B 372 -5.83 -2.56 -12.87
CA GLY B 372 -5.84 -2.32 -14.32
C GLY B 372 -7.02 -3.00 -15.02
N SER B 373 -7.45 -4.14 -14.49
CA SER B 373 -8.54 -4.89 -15.08
C SER B 373 -9.90 -4.28 -14.77
N ASN B 374 -9.96 -3.30 -13.86
CA ASN B 374 -11.24 -2.74 -13.38
C ASN B 374 -11.63 -1.42 -14.03
N GLY B 375 -11.18 -1.19 -15.26
CA GLY B 375 -11.57 0.01 -16.01
C GLY B 375 -13.01 -0.05 -16.47
N HIS B 376 -13.65 1.12 -16.52
CA HIS B 376 -15.03 1.26 -16.99
C HIS B 376 -15.14 2.31 -18.11
N LEU B 377 -15.52 1.86 -19.30
CA LEU B 377 -15.79 2.74 -20.43
C LEU B 377 -14.62 3.72 -20.67
N GLU B 378 -14.85 5.02 -20.54
CA GLU B 378 -13.88 6.01 -20.99
C GLU B 378 -12.71 6.24 -20.01
N LEU B 379 -12.80 5.67 -18.81
CA LEU B 379 -11.80 5.96 -17.78
C LEU B 379 -11.58 4.79 -16.81
N ASN B 380 -10.31 4.47 -16.58
CA ASN B 380 -9.90 3.62 -15.47
C ASN B 380 -9.66 4.55 -14.27
N VAL B 381 -10.40 4.28 -13.19
CA VAL B 381 -10.35 5.13 -12.01
C VAL B 381 -9.73 4.38 -10.85
N PHE B 382 -8.58 3.77 -11.13
CA PHE B 382 -7.73 3.14 -10.12
C PHE B 382 -6.31 3.68 -10.26
N LYS B 383 -6.17 4.92 -10.72
CA LYS B 383 -4.88 5.42 -11.16
C LYS B 383 -3.86 5.61 -10.02
N PRO B 384 -4.28 6.18 -8.89
CA PRO B 384 -3.31 6.40 -7.82
C PRO B 384 -2.73 5.11 -7.23
N VAL B 385 -3.57 4.10 -7.03
CA VAL B 385 -3.07 2.83 -6.49
C VAL B 385 -2.09 2.17 -7.49
N ILE B 386 -2.37 2.26 -8.78
CA ILE B 386 -1.46 1.72 -9.79
C ILE B 386 -0.08 2.39 -9.71
N ILE B 387 -0.03 3.71 -9.70
CA ILE B 387 1.24 4.42 -9.75
C ILE B 387 2.03 4.35 -8.45
N TYR B 388 1.31 4.35 -7.33
CA TYR B 388 1.91 4.15 -6.01
C TYR B 388 2.63 2.82 -5.95
N ASN B 389 2.01 1.77 -6.46
CA ASN B 389 2.68 0.46 -6.49
C ASN B 389 3.84 0.36 -7.49
N ILE B 390 3.68 0.93 -8.68
CA ILE B 390 4.77 0.95 -9.66
C ILE B 390 5.99 1.66 -9.05
N LEU B 391 5.79 2.86 -8.53
CA LEU B 391 6.90 3.66 -8.01
C LEU B 391 7.56 3.04 -6.77
N GLN B 392 6.77 2.34 -5.95
CA GLN B 392 7.31 1.65 -4.79
C GLN B 392 8.20 0.49 -5.21
N SER B 393 7.74 -0.29 -6.19
CA SER B 393 8.53 -1.40 -6.67
C SER B 393 9.86 -0.95 -7.26
N ILE B 394 9.85 0.14 -8.03
CA ILE B 394 11.09 0.66 -8.63
C ILE B 394 12.08 1.07 -7.53
N GLU B 395 11.59 1.84 -6.56
CA GLU B 395 12.44 2.36 -5.48
C GLU B 395 12.97 1.27 -4.56
N LEU B 396 12.15 0.30 -4.21
CA LEU B 396 12.59 -0.80 -3.34
C LEU B 396 13.61 -1.70 -4.03
N LEU B 397 13.34 -2.04 -5.30
CA LEU B 397 14.29 -2.83 -6.07
C LEU B 397 15.63 -2.13 -6.20
N SER B 398 15.61 -0.82 -6.47
CA SER B 398 16.84 -0.06 -6.68
C SER B 398 17.64 0.06 -5.37
N ASP B 399 16.97 0.53 -4.31
CA ASP B 399 17.65 0.72 -3.04
C ASP B 399 18.17 -0.59 -2.45
N SER B 400 17.39 -1.66 -2.54
CA SER B 400 17.81 -2.94 -1.98
C SER B 400 18.96 -3.55 -2.77
N VAL B 401 18.89 -3.46 -4.10
CA VAL B 401 20.00 -3.94 -4.94
C VAL B 401 21.29 -3.17 -4.64
N ASN B 402 21.22 -1.84 -4.56
CA ASN B 402 22.42 -1.05 -4.27
C ASN B 402 23.01 -1.44 -2.91
N SER B 403 22.14 -1.62 -1.91
CA SER B 403 22.56 -2.06 -0.58
C SER B 403 23.19 -3.44 -0.64
N PHE B 404 22.53 -4.35 -1.33
CA PHE B 404 23.04 -5.71 -1.57
C PHE B 404 24.43 -5.70 -2.21
N VAL B 405 24.64 -4.83 -3.19
CA VAL B 405 25.95 -4.77 -3.84
C VAL B 405 27.03 -4.27 -2.86
N THR B 406 26.77 -3.13 -2.22
CA THR B 406 27.72 -2.51 -1.30
C THR B 406 28.10 -3.41 -0.13
N HIS B 407 27.11 -4.03 0.50
CA HIS B 407 27.35 -4.73 1.77
C HIS B 407 27.40 -6.26 1.67
N CYS B 408 27.32 -6.80 0.45
CA CYS B 408 27.42 -8.24 0.26
C CYS B 408 28.25 -8.63 -0.97
N VAL B 409 27.84 -8.20 -2.15
CA VAL B 409 28.50 -8.66 -3.38
C VAL B 409 29.95 -8.21 -3.48
N LYS B 410 30.21 -6.93 -3.22
CA LYS B 410 31.59 -6.38 -3.27
C LYS B 410 32.63 -7.18 -2.47
N GLY B 411 32.23 -7.74 -1.34
CA GLY B 411 33.14 -8.48 -0.47
C GLY B 411 32.95 -9.98 -0.44
N LEU B 412 32.17 -10.53 -1.37
CA LEU B 412 32.07 -11.98 -1.51
C LEU B 412 33.44 -12.56 -1.80
N GLU B 413 33.83 -13.57 -1.05
CA GLU B 413 35.04 -14.32 -1.33
C GLU B 413 34.69 -15.80 -1.31
N PRO B 414 35.25 -16.59 -2.25
CA PRO B 414 35.03 -18.01 -2.18
C PRO B 414 35.91 -18.65 -1.10
N ASN B 415 35.41 -19.72 -0.48
CA ASN B 415 36.20 -20.54 0.43
C ASN B 415 36.78 -21.70 -0.37
N ILE B 416 37.97 -21.49 -0.93
CA ILE B 416 38.54 -22.40 -1.92
C ILE B 416 38.83 -23.79 -1.37
N ALA B 417 39.36 -23.86 -0.16
CA ALA B 417 39.65 -25.15 0.47
C ALA B 417 38.37 -25.95 0.69
N ARG B 418 37.30 -25.28 1.09
CA ARG B 418 35.99 -25.91 1.25
C ARG B 418 35.43 -26.42 -0.09
N ILE B 419 35.55 -25.61 -1.13
CA ILE B 419 35.09 -25.97 -2.47
C ILE B 419 35.83 -27.19 -2.99
N ASN B 420 37.15 -27.20 -2.78
CA ASN B 420 38.00 -28.31 -3.21
C ASN B 420 37.68 -29.63 -2.48
N THR B 421 37.48 -29.54 -1.18
CA THR B 421 37.09 -30.70 -0.36
C THR B 421 35.75 -31.29 -0.82
N LEU B 422 34.78 -30.43 -1.09
CA LEU B 422 33.45 -30.88 -1.52
C LEU B 422 33.52 -31.59 -2.88
N ARG B 423 34.21 -30.98 -3.84
CA ARG B 423 34.39 -31.57 -5.17
C ARG B 423 35.00 -32.97 -5.08
N ASP B 424 36.12 -33.08 -4.36
CA ASP B 424 36.85 -34.35 -4.23
C ASP B 424 36.12 -35.45 -3.43
N LYS B 425 34.89 -35.17 -2.99
CA LYS B 425 34.04 -36.17 -2.33
C LYS B 425 32.93 -36.69 -3.25
N SER B 426 32.81 -36.12 -4.45
CA SER B 426 31.65 -36.39 -5.31
C SER B 426 31.71 -37.77 -5.99
N LEU B 427 30.57 -38.47 -5.96
CA LEU B 427 30.43 -39.78 -6.60
C LEU B 427 30.11 -39.61 -8.09
C1 MLI C . 19.28 -14.69 16.22
C2 MLI C . 19.83 -15.59 15.13
C3 MLI C . 18.72 -13.39 15.66
O6 MLI C . 19.13 -16.57 14.75
O7 MLI C . 20.96 -15.34 14.67
O8 MLI C . 18.75 -12.39 16.42
O9 MLI C . 18.23 -13.37 14.51
NA NA D . 1.65 -4.08 -1.63
C1 MLI E . -12.86 14.37 -14.59
C2 MLI E . -14.10 13.50 -14.60
C3 MLI E . -12.01 14.12 -13.36
O6 MLI E . -14.12 12.51 -15.37
O7 MLI E . -15.05 13.81 -13.84
O8 MLI E . -11.37 15.08 -12.90
O9 MLI E . -11.98 12.97 -12.84
#